data_2QJF
#
_entry.id   2QJF
#
_cell.length_a   63.100
_cell.length_b   99.900
_cell.length_c   75.900
_cell.angle_alpha   90.00
_cell.angle_beta   113.00
_cell.angle_gamma   90.00
#
_symmetry.space_group_name_H-M   'P 1 21 1'
#
loop_
_entity.id
_entity.type
_entity.pdbx_description
1 polymer "Bifunctional 3'-phosphoadenosine 5'-phosphosulfate synthetase 1"
2 non-polymer 'POTASSIUM ION'
3 non-polymer "ADENOSINE-5'-PHOSPHOSULFATE"
4 water water
#
_entity_poly.entity_id   1
_entity_poly.type   'polypeptide(L)'
_entity_poly.pdbx_seq_one_letter_code
;LQERDIVPVDASYEVKELYVPENKLHLAKTDAETLPALKINKVDMQWVQVLAEGWATPLNGFMREREYLQCLHFDCLLDG
GVINLSVPIVLTATHEDKERLDGCTAFALMYEGRRVAILRNPEFFEHRKEERCARQWGTTCKNHPYIKMVMEQGDWLIGG
DLQVLDRVYWNDGLDQYRLTPTELKQKFKDMNADAVFAFQLRNPVHNGHALLMQDTHKQLLERGYRRPVLLLHPLGGWTK
DDDVPLMWRMKQHAAVLEEGVLNPETTVVAIFPSPMMYAGPTEVQWHCRARMVAGANFYIVGRDPAGMPHPETGKDLYEP
SHGAKVLTMAPGLITLEIVPFRVAAYNKKKKRMDYYDSEHHEDFEFISGTRMRKLAREGQKPPEGFMAPKAWTVLTEYYK
SLEKA
;
_entity_poly.pdbx_strand_id   A,B
#
loop_
_chem_comp.id
_chem_comp.type
_chem_comp.name
_chem_comp.formula
ADX RNA linking ADENOSINE-5'-PHOSPHOSULFATE 'C10 H14 N5 O10 P S'
K non-polymer 'POTASSIUM ION' 'K 1'
#
# COMPACT_ATOMS: atom_id res chain seq x y z
N GLU A 14 13.68 18.43 -15.11
CA GLU A 14 12.88 17.78 -16.20
C GLU A 14 11.40 17.64 -15.84
N VAL A 15 10.61 18.65 -16.20
CA VAL A 15 9.18 18.57 -16.02
C VAL A 15 8.53 18.12 -17.33
N LYS A 16 7.59 17.19 -17.26
CA LYS A 16 6.80 16.78 -18.41
C LYS A 16 5.40 17.44 -18.34
N GLU A 17 5.32 18.69 -18.80
CA GLU A 17 4.05 19.36 -19.01
C GLU A 17 3.25 18.65 -20.09
N LEU A 18 1.94 18.51 -19.87
CA LEU A 18 1.05 17.86 -20.84
C LEU A 18 0.23 18.86 -21.62
N TYR A 19 0.43 20.15 -21.34
CA TYR A 19 0.00 21.24 -22.22
C TYR A 19 0.68 21.08 -23.56
N VAL A 20 -0.07 21.33 -24.63
CA VAL A 20 0.52 21.40 -25.97
C VAL A 20 1.37 22.69 -26.10
N PRO A 21 2.52 22.62 -26.81
CA PRO A 21 3.34 23.81 -27.03
C PRO A 21 2.51 24.91 -27.65
N GLU A 22 2.79 26.16 -27.26
CA GLU A 22 1.96 27.31 -27.69
C GLU A 22 1.84 27.51 -29.20
N ASN A 23 2.82 27.03 -29.96
CA ASN A 23 2.77 27.16 -31.42
C ASN A 23 2.10 25.98 -32.11
N LYS A 24 1.78 24.94 -31.32
CA LYS A 24 1.02 23.79 -31.77
C LYS A 24 -0.44 23.83 -31.29
N LEU A 25 -0.79 24.90 -30.58
CA LEU A 25 -2.08 24.98 -29.89
C LEU A 25 -3.28 25.11 -30.83
N HIS A 26 -3.16 25.91 -31.88
CA HIS A 26 -4.29 26.14 -32.78
C HIS A 26 -4.67 24.84 -33.48
N LEU A 27 -3.66 24.14 -33.99
CA LEU A 27 -3.82 22.80 -34.54
C LEU A 27 -4.54 21.85 -33.60
N ALA A 28 -4.12 21.85 -32.33
CA ALA A 28 -4.69 20.94 -31.33
C ALA A 28 -6.15 21.27 -30.96
N LYS A 29 -6.49 22.56 -30.93
CA LYS A 29 -7.87 22.97 -30.61
C LYS A 29 -8.82 22.62 -31.76
N THR A 30 -8.30 22.74 -32.97
CA THR A 30 -9.00 22.38 -34.19
C THR A 30 -9.19 20.87 -34.25
N ASP A 31 -8.11 20.12 -34.04
CA ASP A 31 -8.19 18.66 -33.95
C ASP A 31 -9.22 18.20 -32.90
N ALA A 32 -9.21 18.85 -31.74
CA ALA A 32 -10.13 18.54 -30.63
C ALA A 32 -11.60 18.72 -31.00
N GLU A 33 -11.86 19.68 -31.89
CA GLU A 33 -13.22 19.97 -32.34
C GLU A 33 -13.82 18.80 -33.13
N THR A 34 -12.95 18.08 -33.84
CA THR A 34 -13.35 16.98 -34.70
C THR A 34 -13.68 15.68 -33.92
N LEU A 35 -13.59 15.71 -32.60
CA LEU A 35 -13.61 14.47 -31.82
C LEU A 35 -14.90 14.27 -31.05
N PRO A 36 -15.25 12.99 -30.73
CA PRO A 36 -16.29 12.79 -29.73
C PRO A 36 -15.81 13.39 -28.41
N ALA A 37 -16.75 13.70 -27.52
CA ALA A 37 -16.43 14.39 -26.27
C ALA A 37 -16.92 13.67 -25.02
N LEU A 38 -16.29 13.96 -23.89
CA LEU A 38 -16.71 13.49 -22.59
C LEU A 38 -16.67 14.70 -21.67
N LYS A 39 -17.81 14.98 -21.07
CA LYS A 39 -17.93 16.07 -20.12
C LYS A 39 -17.35 15.71 -18.78
N ILE A 40 -16.60 16.63 -18.20
CA ILE A 40 -15.99 16.38 -16.90
C ILE A 40 -16.45 17.42 -15.89
N ASN A 41 -16.36 17.12 -14.62
CA ASN A 41 -16.72 18.11 -13.61
C ASN A 41 -15.54 18.98 -13.13
N LYS A 42 -15.80 19.82 -12.14
CA LYS A 42 -14.82 20.78 -11.64
C LYS A 42 -13.58 20.11 -11.03
N VAL A 43 -13.81 19.09 -10.21
CA VAL A 43 -12.72 18.34 -9.60
C VAL A 43 -11.91 17.57 -10.64
N ASP A 44 -12.57 16.94 -11.62
CA ASP A 44 -11.88 16.37 -12.77
C ASP A 44 -10.99 17.41 -13.42
N MET A 45 -11.53 18.63 -13.55
CA MET A 45 -10.83 19.72 -14.22
C MET A 45 -9.57 20.11 -13.45
N GLN A 46 -9.65 20.13 -12.13
CA GLN A 46 -8.49 20.37 -11.29
C GLN A 46 -7.40 19.33 -11.47
N TRP A 47 -7.78 18.05 -11.62
CA TRP A 47 -6.81 16.99 -11.93
C TRP A 47 -6.19 17.13 -13.33
N VAL A 48 -6.96 17.57 -14.33
CA VAL A 48 -6.41 17.89 -15.66
C VAL A 48 -5.33 18.97 -15.52
N GLN A 49 -5.57 19.97 -14.66
CA GLN A 49 -4.59 21.04 -14.43
C GLN A 49 -3.30 20.47 -13.80
N VAL A 50 -3.46 19.65 -12.77
CA VAL A 50 -2.33 18.92 -12.15
C VAL A 50 -1.49 18.24 -13.21
N LEU A 51 -2.13 17.45 -14.04
CA LEU A 51 -1.43 16.74 -15.09
C LEU A 51 -0.78 17.67 -16.11
N ALA A 52 -1.53 18.67 -16.56
CA ALA A 52 -1.08 19.60 -17.59
C ALA A 52 0.21 20.31 -17.19
N GLU A 53 0.28 20.74 -15.93
CA GLU A 53 1.39 21.57 -15.43
C GLU A 53 2.66 20.76 -15.12
N GLY A 54 2.54 19.44 -15.10
CA GLY A 54 3.68 18.56 -14.92
C GLY A 54 3.92 18.08 -13.50
N TRP A 55 2.96 18.29 -12.60
CA TRP A 55 3.12 17.91 -11.18
C TRP A 55 3.23 16.38 -11.01
N ALA A 56 2.67 15.62 -11.95
CA ALA A 56 2.73 14.15 -11.90
C ALA A 56 3.75 13.55 -12.89
N THR A 57 4.74 14.34 -13.31
CA THR A 57 5.86 13.85 -14.13
C THR A 57 6.34 12.55 -13.51
N PRO A 58 6.58 11.50 -14.34
CA PRO A 58 6.50 11.40 -15.80
C PRO A 58 5.21 10.84 -16.44
N LEU A 59 4.09 10.90 -15.74
CA LEU A 59 2.79 10.52 -16.33
C LEU A 59 2.48 11.16 -17.68
N ASN A 60 1.96 10.36 -18.60
CA ASN A 60 1.64 10.80 -19.97
C ASN A 60 0.20 11.24 -20.10
N GLY A 61 -0.56 11.00 -19.04
CA GLY A 61 -1.97 11.37 -18.95
C GLY A 61 -2.60 10.65 -17.80
N PHE A 62 -3.89 10.34 -17.92
CA PHE A 62 -4.59 9.65 -16.86
C PHE A 62 -4.05 8.22 -16.79
N MET A 63 -3.98 7.66 -15.59
CA MET A 63 -3.31 6.37 -15.38
C MET A 63 -3.96 5.23 -16.15
N ARG A 64 -3.10 4.44 -16.79
CA ARG A 64 -3.53 3.15 -17.32
C ARG A 64 -3.54 2.12 -16.17
N GLU A 65 -4.08 0.94 -16.43
CA GLU A 65 -4.24 -0.08 -15.41
C GLU A 65 -2.95 -0.39 -14.67
N ARG A 66 -1.85 -0.57 -15.41
CA ARG A 66 -0.57 -0.92 -14.76
C ARG A 66 -0.03 0.16 -13.80
N GLU A 67 -0.17 1.44 -14.15
CA GLU A 67 0.26 2.54 -13.30
C GLU A 67 -0.63 2.64 -12.06
N TYR A 68 -1.93 2.45 -12.29
CA TYR A 68 -2.95 2.46 -11.23
C TYR A 68 -2.66 1.37 -10.20
N LEU A 69 -2.36 0.18 -10.67
CA LEU A 69 -1.99 -0.94 -9.78
C LEU A 69 -0.74 -0.65 -9.00
N GLN A 70 0.28 -0.17 -9.70
CA GLN A 70 1.55 0.23 -9.09
C GLN A 70 1.40 1.24 -7.96
N CYS A 71 0.62 2.29 -8.17
CA CYS A 71 0.53 3.33 -7.14
C CYS A 71 -0.35 2.92 -5.96
N LEU A 72 -1.41 2.15 -6.23
CA LEU A 72 -2.20 1.53 -5.16
C LEU A 72 -1.42 0.54 -4.31
N HIS A 73 -0.59 -0.27 -4.93
CA HIS A 73 0.09 -1.33 -4.19
C HIS A 73 1.46 -0.97 -3.64
N PHE A 74 2.17 -0.09 -4.33
CA PHE A 74 3.57 0.22 -3.99
C PHE A 74 3.85 1.70 -3.70
N ASP A 75 2.90 2.59 -4.04
CA ASP A 75 3.07 4.07 -3.91
C ASP A 75 4.13 4.67 -4.86
N CYS A 76 4.42 3.98 -5.94
CA CYS A 76 5.51 4.36 -6.83
C CYS A 76 5.19 3.95 -8.24
N LEU A 77 5.69 4.74 -9.18
CA LEU A 77 5.82 4.29 -10.55
C LEU A 77 7.16 3.58 -10.67
N LEU A 78 7.15 2.46 -11.39
CA LEU A 78 8.29 1.55 -11.44
C LEU A 78 8.92 1.33 -12.81
N ASP A 79 8.23 1.72 -13.89
CA ASP A 79 8.75 1.45 -15.25
C ASP A 79 9.95 2.32 -15.62
N GLY A 80 11.13 1.70 -15.66
CA GLY A 80 12.37 2.42 -16.00
C GLY A 80 12.76 3.51 -15.01
N GLY A 81 12.74 3.17 -13.73
CA GLY A 81 13.05 4.10 -12.66
C GLY A 81 12.01 4.00 -11.56
N VAL A 82 12.31 4.55 -10.40
CA VAL A 82 11.36 4.61 -9.30
C VAL A 82 11.09 6.07 -9.01
N ILE A 83 9.84 6.48 -9.18
CA ILE A 83 9.45 7.77 -8.70
C ILE A 83 8.20 7.65 -7.87
N ASN A 84 8.19 8.31 -6.71
CA ASN A 84 7.04 8.25 -5.82
C ASN A 84 5.79 8.79 -6.51
N LEU A 85 4.71 8.03 -6.45
CA LEU A 85 3.41 8.52 -6.87
C LEU A 85 2.42 7.62 -6.16
N SER A 86 1.78 8.19 -5.13
CA SER A 86 1.01 7.44 -4.16
C SER A 86 -0.49 7.60 -4.31
N VAL A 87 -0.94 8.45 -5.25
CA VAL A 87 -2.37 8.64 -5.48
C VAL A 87 -2.79 8.39 -6.93
N PRO A 88 -3.91 7.67 -7.14
CA PRO A 88 -4.45 7.48 -8.48
C PRO A 88 -4.82 8.83 -9.08
N ILE A 89 -4.34 9.07 -10.29
CA ILE A 89 -4.75 10.19 -11.08
C ILE A 89 -5.51 9.60 -12.25
N VAL A 90 -6.81 9.47 -12.06
CA VAL A 90 -7.69 8.69 -12.94
C VAL A 90 -8.94 9.45 -13.37
N LEU A 91 -9.53 8.98 -14.47
CA LEU A 91 -10.69 9.55 -15.05
C LEU A 91 -11.74 8.47 -15.03
N THR A 92 -12.82 8.75 -14.31
CA THR A 92 -13.89 7.78 -14.13
C THR A 92 -14.90 7.93 -15.27
N ALA A 93 -15.62 6.84 -15.54
CA ALA A 93 -16.62 6.78 -16.58
C ALA A 93 -17.73 5.83 -16.16
N THR A 94 -18.92 6.08 -16.69
CA THR A 94 -20.06 5.17 -16.53
C THR A 94 -20.03 4.07 -17.60
N HIS A 95 -20.86 3.03 -17.39
CA HIS A 95 -21.06 2.01 -18.42
C HIS A 95 -21.54 2.61 -19.74
N GLU A 96 -22.47 3.57 -19.68
CA GLU A 96 -22.90 4.26 -20.90
C GLU A 96 -21.73 5.01 -21.58
N ASP A 97 -20.96 5.77 -20.80
CA ASP A 97 -19.74 6.47 -21.31
C ASP A 97 -18.78 5.51 -21.99
N LYS A 98 -18.49 4.40 -21.31
CA LYS A 98 -17.67 3.30 -21.85
C LYS A 98 -18.24 2.74 -23.16
N GLU A 99 -19.53 2.44 -23.17
CA GLU A 99 -20.21 1.92 -24.36
C GLU A 99 -19.92 2.82 -25.56
N ARG A 100 -20.14 4.11 -25.37
CA ARG A 100 -19.97 5.12 -26.40
C ARG A 100 -18.52 5.33 -26.86
N LEU A 101 -17.56 5.35 -25.93
CA LEU A 101 -16.20 5.78 -26.25
C LEU A 101 -15.20 4.65 -26.51
N ASP A 102 -15.56 3.44 -26.07
CA ASP A 102 -14.75 2.25 -26.32
C ASP A 102 -14.61 2.04 -27.83
N GLY A 103 -13.39 2.04 -28.34
CA GLY A 103 -13.21 1.96 -29.79
C GLY A 103 -12.75 3.27 -30.40
N CYS A 104 -12.84 4.35 -29.65
CA CYS A 104 -12.26 5.64 -30.07
C CYS A 104 -10.73 5.68 -29.92
N THR A 105 -10.04 6.17 -30.94
CA THR A 105 -8.60 6.32 -30.83
C THR A 105 -8.27 7.62 -30.07
N ALA A 106 -9.24 8.52 -29.97
CA ALA A 106 -9.07 9.81 -29.30
C ALA A 106 -10.42 10.44 -29.00
N PHE A 107 -10.51 11.14 -27.89
CA PHE A 107 -11.68 11.95 -27.60
C PHE A 107 -11.32 13.15 -26.73
N ALA A 108 -12.20 14.17 -26.77
CA ALA A 108 -12.00 15.41 -26.07
C ALA A 108 -12.64 15.37 -24.71
N LEU A 109 -12.05 16.10 -23.78
CA LEU A 109 -12.65 16.36 -22.49
C LEU A 109 -13.27 17.74 -22.52
N MET A 110 -14.49 17.83 -22.01
CA MET A 110 -15.22 19.07 -22.02
C MET A 110 -15.58 19.53 -20.63
N TYR A 111 -15.33 20.79 -20.35
CA TYR A 111 -15.73 21.39 -19.08
C TYR A 111 -16.42 22.73 -19.32
N GLU A 112 -17.67 22.83 -18.88
CA GLU A 112 -18.51 24.01 -19.08
C GLU A 112 -18.62 24.36 -20.56
N GLY A 113 -18.91 23.37 -21.40
CA GLY A 113 -19.09 23.60 -22.84
C GLY A 113 -17.81 23.85 -23.61
N ARG A 114 -16.68 23.74 -22.91
CA ARG A 114 -15.38 24.03 -23.51
C ARG A 114 -14.50 22.79 -23.60
N ARG A 115 -13.85 22.61 -24.75
CA ARG A 115 -12.90 21.50 -24.95
C ARG A 115 -11.54 21.88 -24.37
N VAL A 116 -11.10 21.10 -23.40
CA VAL A 116 -9.93 21.45 -22.59
C VAL A 116 -8.77 20.51 -22.79
N ALA A 117 -9.02 19.36 -23.38
CA ALA A 117 -7.98 18.32 -23.47
C ALA A 117 -8.33 17.25 -24.49
N ILE A 118 -7.31 16.60 -25.03
CA ILE A 118 -7.51 15.41 -25.86
C ILE A 118 -6.94 14.19 -25.14
N LEU A 119 -7.77 13.19 -24.92
CA LEU A 119 -7.30 11.92 -24.40
C LEU A 119 -7.13 10.96 -25.58
N ARG A 120 -5.88 10.57 -25.88
CA ARG A 120 -5.56 9.61 -26.96
C ARG A 120 -5.25 8.22 -26.44
N ASN A 121 -5.43 7.25 -27.34
CA ASN A 121 -5.18 5.82 -27.09
C ASN A 121 -5.75 5.32 -25.77
N PRO A 122 -7.08 5.49 -25.58
CA PRO A 122 -7.75 5.20 -24.31
C PRO A 122 -7.75 3.73 -23.97
N GLU A 123 -7.74 3.43 -22.68
CA GLU A 123 -7.97 2.06 -22.24
C GLU A 123 -8.92 2.07 -21.05
N PHE A 124 -9.95 1.23 -21.12
CA PHE A 124 -10.90 1.13 -20.03
C PHE A 124 -10.55 -0.05 -19.13
N PHE A 125 -10.65 0.18 -17.83
CA PHE A 125 -10.45 -0.88 -16.85
C PHE A 125 -11.36 -0.61 -15.65
N GLU A 126 -11.61 -1.64 -14.86
CA GLU A 126 -12.53 -1.56 -13.74
C GLU A 126 -12.02 -0.59 -12.68
N HIS A 127 -12.92 0.24 -12.17
CA HIS A 127 -12.60 1.18 -11.10
C HIS A 127 -12.32 0.44 -9.77
N ARG A 128 -13.12 -0.60 -9.48
CA ARG A 128 -13.08 -1.28 -8.16
C ARG A 128 -13.04 -0.33 -6.97
N LYS A 129 -14.01 0.59 -6.96
CA LYS A 129 -14.15 1.68 -5.98
C LYS A 129 -13.89 1.31 -4.52
N GLU A 130 -14.51 0.24 -4.02
CA GLU A 130 -14.38 -0.11 -2.61
C GLU A 130 -12.97 -0.58 -2.26
N GLU A 131 -12.37 -1.38 -3.15
CA GLU A 131 -10.98 -1.74 -2.99
C GLU A 131 -10.06 -0.54 -3.11
N ARG A 132 -10.31 0.29 -4.13
CA ARG A 132 -9.51 1.48 -4.35
C ARG A 132 -9.48 2.32 -3.10
N CYS A 133 -10.65 2.59 -2.54
CA CYS A 133 -10.77 3.46 -1.39
C CYS A 133 -10.09 2.86 -0.16
N ALA A 134 -10.22 1.54 0.04
CA ALA A 134 -9.63 0.89 1.20
C ALA A 134 -8.12 1.00 1.18
N ARG A 135 -7.51 0.72 0.04
CA ARG A 135 -6.06 0.84 -0.10
C ARG A 135 -5.53 2.29 -0.10
N GLN A 136 -6.24 3.20 -0.77
CA GLN A 136 -5.82 4.61 -0.81
C GLN A 136 -6.00 5.35 0.52
N TRP A 137 -7.17 5.23 1.15
CA TRP A 137 -7.47 5.94 2.40
C TRP A 137 -7.22 5.14 3.68
N GLY A 138 -7.03 3.83 3.55
CA GLY A 138 -6.81 2.98 4.70
C GLY A 138 -8.04 2.95 5.58
N THR A 139 -9.20 3.17 4.98
CA THR A 139 -10.44 3.17 5.69
C THR A 139 -11.57 2.80 4.76
N THR A 140 -12.55 2.12 5.33
CA THR A 140 -13.80 1.79 4.65
C THR A 140 -14.93 2.51 5.39
N CYS A 141 -14.57 3.56 6.11
CA CYS A 141 -15.53 4.44 6.79
C CYS A 141 -16.41 5.16 5.79
N LYS A 142 -17.67 5.38 6.18
CA LYS A 142 -18.59 6.18 5.39
C LYS A 142 -18.43 7.65 5.79
N ASN A 143 -18.87 8.57 4.93
CA ASN A 143 -18.88 10.01 5.21
C ASN A 143 -17.51 10.73 5.16
N HIS A 144 -16.52 10.06 4.60
CA HIS A 144 -15.35 10.79 4.20
C HIS A 144 -15.76 11.65 2.99
N PRO A 145 -15.42 12.96 3.04
CA PRO A 145 -15.82 13.94 2.03
C PRO A 145 -15.30 13.65 0.62
N TYR A 146 -14.07 13.17 0.47
CA TYR A 146 -13.58 12.82 -0.85
C TYR A 146 -14.09 11.45 -1.30
N ILE A 147 -14.04 10.46 -0.41
CA ILE A 147 -14.55 9.12 -0.69
C ILE A 147 -16.02 9.18 -1.14
N LYS A 148 -16.81 10.04 -0.51
CA LYS A 148 -18.21 10.25 -0.89
C LYS A 148 -18.39 10.68 -2.36
N MET A 149 -17.47 11.49 -2.87
CA MET A 149 -17.48 11.86 -4.29
C MET A 149 -17.04 10.69 -5.16
N VAL A 150 -16.05 9.94 -4.69
CA VAL A 150 -15.61 8.73 -5.44
C VAL A 150 -16.78 7.76 -5.61
N MET A 151 -17.50 7.46 -4.53
CA MET A 151 -18.60 6.51 -4.56
C MET A 151 -19.70 6.85 -5.55
N GLU A 152 -19.85 8.14 -5.86
CA GLU A 152 -20.86 8.64 -6.79
C GLU A 152 -20.43 8.49 -8.25
N GLN A 153 -19.18 8.08 -8.46
CA GLN A 153 -18.63 8.03 -9.80
C GLN A 153 -18.90 6.68 -10.43
N GLY A 154 -18.60 6.55 -11.72
CA GLY A 154 -18.79 5.31 -12.44
C GLY A 154 -17.83 4.18 -12.11
N ASP A 155 -18.16 2.97 -12.55
CA ASP A 155 -17.36 1.78 -12.26
C ASP A 155 -16.22 1.56 -13.24
N TRP A 156 -16.06 2.46 -14.21
CA TRP A 156 -14.98 2.35 -15.18
C TRP A 156 -13.97 3.47 -15.04
N LEU A 157 -12.73 3.15 -15.37
CA LEU A 157 -11.67 4.14 -15.47
C LEU A 157 -11.14 4.18 -16.90
N ILE A 158 -10.69 5.36 -17.31
CA ILE A 158 -10.06 5.59 -18.62
C ILE A 158 -8.67 6.18 -18.43
N GLY A 159 -7.67 5.45 -18.91
CA GLY A 159 -6.32 5.94 -18.96
C GLY A 159 -5.97 6.22 -20.40
N GLY A 160 -4.93 7.00 -20.60
CA GLY A 160 -4.47 7.36 -21.92
C GLY A 160 -3.65 8.63 -21.90
N ASP A 161 -3.10 8.94 -23.07
CA ASP A 161 -2.22 10.07 -23.26
C ASP A 161 -3.01 11.36 -23.42
N LEU A 162 -2.65 12.34 -22.60
CA LEU A 162 -3.42 13.56 -22.49
C LEU A 162 -2.64 14.74 -23.07
N GLN A 163 -3.30 15.50 -23.93
CA GLN A 163 -2.79 16.78 -24.42
C GLN A 163 -3.78 17.80 -23.93
N VAL A 164 -3.33 18.72 -23.08
CA VAL A 164 -4.18 19.76 -22.57
C VAL A 164 -4.06 20.99 -23.48
N LEU A 165 -5.14 21.74 -23.59
CA LEU A 165 -5.21 22.78 -24.63
C LEU A 165 -4.86 24.15 -24.06
N ASP A 166 -5.82 25.06 -24.01
CA ASP A 166 -5.58 26.37 -23.41
C ASP A 166 -5.09 26.22 -21.97
N ARG A 167 -4.23 27.14 -21.55
CA ARG A 167 -3.81 27.22 -20.18
C ARG A 167 -5.05 27.32 -19.29
N VAL A 168 -5.07 26.55 -18.21
CA VAL A 168 -6.20 26.53 -17.29
C VAL A 168 -6.16 27.77 -16.38
N TYR A 169 -7.21 28.58 -16.45
CA TYR A 169 -7.43 29.72 -15.55
C TYR A 169 -8.75 29.59 -14.82
N TRP A 170 -8.81 30.05 -13.58
CA TRP A 170 -10.02 29.97 -12.77
C TRP A 170 -10.73 31.34 -12.63
N ASN A 171 -10.04 32.40 -13.04
CA ASN A 171 -10.62 33.72 -13.16
C ASN A 171 -11.29 34.18 -11.86
N ASP A 172 -10.58 33.97 -10.76
CA ASP A 172 -11.08 34.24 -9.41
C ASP A 172 -10.23 35.31 -8.71
N GLY A 173 -9.27 35.87 -9.45
CA GLY A 173 -8.40 36.89 -8.90
C GLY A 173 -7.18 36.32 -8.21
N LEU A 174 -6.94 35.02 -8.40
CA LEU A 174 -5.80 34.36 -7.81
C LEU A 174 -4.89 33.67 -8.81
N ASP A 175 -5.21 33.81 -10.10
CA ASP A 175 -4.44 33.14 -11.16
C ASP A 175 -2.97 33.55 -11.23
N GLN A 176 -2.62 34.69 -10.63
CA GLN A 176 -1.22 35.16 -10.63
C GLN A 176 -0.37 34.41 -9.61
N TYR A 177 -1.02 33.60 -8.78
CA TYR A 177 -0.35 32.75 -7.80
C TYR A 177 -0.26 31.34 -8.29
N ARG A 178 -0.91 31.04 -9.40
CA ARG A 178 -0.97 29.68 -9.89
C ARG A 178 0.18 29.38 -10.84
N LEU A 179 1.39 29.23 -10.27
CA LEU A 179 2.61 28.92 -11.02
C LEU A 179 2.79 27.43 -11.28
N THR A 180 3.14 27.09 -12.51
CA THR A 180 3.56 25.77 -12.88
C THR A 180 4.93 25.46 -12.24
N PRO A 181 5.27 24.17 -12.08
CA PRO A 181 6.60 23.83 -11.54
C PRO A 181 7.75 24.52 -12.28
N THR A 182 7.65 24.60 -13.61
CA THR A 182 8.66 25.23 -14.45
C THR A 182 8.81 26.71 -14.13
N GLU A 183 7.69 27.38 -13.87
CA GLU A 183 7.71 28.81 -13.55
C GLU A 183 8.26 29.05 -12.16
N LEU A 184 8.03 28.08 -11.28
CA LEU A 184 8.55 28.11 -9.91
C LEU A 184 10.07 27.95 -9.92
N LYS A 185 10.56 27.03 -10.75
CA LYS A 185 12.01 26.82 -10.86
C LYS A 185 12.69 28.05 -11.43
N GLN A 186 12.04 28.67 -12.42
CA GLN A 186 12.55 29.88 -13.07
C GLN A 186 12.60 31.01 -12.06
N LYS A 187 11.53 31.17 -11.28
CA LYS A 187 11.52 32.08 -10.13
C LYS A 187 12.66 31.86 -9.13
N PHE A 188 12.89 30.61 -8.71
CA PHE A 188 13.97 30.31 -7.74
C PHE A 188 15.33 30.74 -8.27
N LYS A 189 15.62 30.38 -9.52
CA LYS A 189 16.81 30.81 -10.23
C LYS A 189 16.98 32.33 -10.17
N ASP A 190 15.93 33.07 -10.53
CA ASP A 190 16.00 34.56 -10.56
C ASP A 190 16.22 35.22 -9.19
N MET A 191 15.87 34.50 -8.12
CA MET A 191 16.11 34.99 -6.75
C MET A 191 17.46 34.48 -6.24
N ASN A 192 18.20 33.77 -7.09
CA ASN A 192 19.49 33.21 -6.68
C ASN A 192 19.40 32.25 -5.49
N ALA A 193 18.26 31.60 -5.33
CA ALA A 193 18.06 30.61 -4.26
C ALA A 193 19.19 29.61 -4.28
N ASP A 194 19.82 29.35 -3.14
CA ASP A 194 20.75 28.21 -3.10
C ASP A 194 20.13 26.97 -2.46
N ALA A 195 18.92 27.12 -1.92
CA ALA A 195 18.14 26.02 -1.36
C ALA A 195 16.70 26.46 -1.29
N VAL A 196 15.78 25.57 -1.65
CA VAL A 196 14.37 25.88 -1.54
C VAL A 196 13.77 24.92 -0.53
N PHE A 197 13.17 25.48 0.53
CA PHE A 197 12.37 24.67 1.45
C PHE A 197 10.89 24.95 1.25
N ALA A 198 10.10 23.88 1.20
CA ALA A 198 8.71 24.00 0.87
C ALA A 198 7.82 23.72 2.06
N PHE A 199 6.72 24.46 2.11
CA PHE A 199 5.73 24.27 3.16
C PHE A 199 4.33 24.13 2.54
N GLN A 200 3.77 22.92 2.62
CA GLN A 200 2.42 22.64 2.19
C GLN A 200 1.50 23.03 3.32
N LEU A 201 0.36 23.61 2.97
CA LEU A 201 -0.68 23.95 3.93
C LEU A 201 -2.06 24.04 3.30
N ARG A 202 -3.09 23.92 4.13
CA ARG A 202 -4.44 24.05 3.66
C ARG A 202 -5.25 24.90 4.63
N ASN A 203 -4.61 25.24 5.76
CA ASN A 203 -5.23 26.06 6.79
C ASN A 203 -4.64 27.50 6.83
N PRO A 204 -5.22 28.39 7.64
CA PRO A 204 -4.58 29.68 7.95
C PRO A 204 -3.20 29.50 8.59
N VAL A 205 -2.26 30.41 8.31
CA VAL A 205 -0.96 30.37 8.98
C VAL A 205 -1.05 31.10 10.33
N HIS A 206 -0.74 30.34 11.39
CA HIS A 206 -0.50 30.89 12.70
C HIS A 206 0.99 30.78 12.99
N ASN A 207 1.39 31.19 14.19
CA ASN A 207 2.80 31.34 14.49
C ASN A 207 3.54 30.07 14.85
N GLY A 208 2.78 29.00 15.05
CA GLY A 208 3.36 27.65 15.12
C GLY A 208 3.83 27.18 13.75
N HIS A 209 3.02 27.41 12.71
CA HIS A 209 3.47 27.17 11.32
C HIS A 209 4.73 27.97 11.01
N ALA A 210 4.71 29.27 11.31
CA ALA A 210 5.86 30.16 11.16
C ALA A 210 7.10 29.67 11.88
N LEU A 211 6.93 29.14 13.10
CA LEU A 211 8.05 28.56 13.85
C LEU A 211 8.74 27.43 13.09
N LEU A 212 7.96 26.57 12.44
CA LEU A 212 8.49 25.49 11.62
C LEU A 212 9.33 26.08 10.48
N MET A 213 8.79 27.14 9.88
CA MET A 213 9.41 27.80 8.73
C MET A 213 10.67 28.57 9.11
N GLN A 214 10.61 29.29 10.24
CA GLN A 214 11.74 30.05 10.77
C GLN A 214 12.89 29.17 11.20
N ASP A 215 12.60 28.08 11.89
CA ASP A 215 13.62 27.13 12.33
C ASP A 215 14.24 26.36 11.17
N THR A 216 13.45 26.05 10.14
CA THR A 216 14.03 25.50 8.92
C THR A 216 14.95 26.53 8.28
N HIS A 217 14.50 27.77 8.13
CA HIS A 217 15.36 28.84 7.62
C HIS A 217 16.70 28.92 8.36
N LYS A 218 16.64 28.93 9.71
CA LYS A 218 17.85 29.05 10.53
C LYS A 218 18.73 27.82 10.47
N GLN A 219 18.12 26.63 10.48
CA GLN A 219 18.88 25.40 10.34
C GLN A 219 19.59 25.33 8.99
N LEU A 220 18.93 25.79 7.93
CA LEU A 220 19.55 25.89 6.60
C LEU A 220 20.72 26.89 6.57
N LEU A 221 20.60 28.02 7.28
CA LEU A 221 21.72 28.95 7.44
C LEU A 221 22.91 28.35 8.19
N GLU A 222 22.62 27.57 9.24
CA GLU A 222 23.67 26.93 10.01
C GLU A 222 24.35 25.82 9.20
N ARG A 223 23.62 25.32 8.22
CA ARG A 223 24.10 24.22 7.38
C ARG A 223 25.05 24.70 6.30
N GLY A 224 25.04 26.00 6.04
CA GLY A 224 25.92 26.58 5.04
C GLY A 224 25.26 27.39 3.94
N TYR A 225 23.94 27.27 3.81
CA TYR A 225 23.22 27.95 2.73
C TYR A 225 23.13 29.45 3.01
N ARG A 226 23.24 30.26 1.95
CA ARG A 226 23.23 31.71 2.10
C ARG A 226 21.93 32.36 1.65
N ARG A 227 21.24 31.72 0.70
CA ARG A 227 20.01 32.29 0.09
C ARG A 227 18.88 31.25 0.10
N PRO A 228 18.50 30.77 1.30
CA PRO A 228 17.41 29.80 1.30
C PRO A 228 16.08 30.52 1.05
N VAL A 229 15.27 29.95 0.16
CA VAL A 229 13.97 30.50 -0.21
C VAL A 229 12.87 29.59 0.31
N LEU A 230 11.85 30.20 0.89
CA LEU A 230 10.65 29.51 1.33
C LEU A 230 9.62 29.49 0.20
N LEU A 231 9.19 28.29 -0.15
CA LEU A 231 8.01 28.13 -0.98
C LEU A 231 6.82 27.86 -0.03
N LEU A 232 6.04 28.91 0.18
CA LEU A 232 4.81 28.84 0.93
C LEU A 232 3.79 28.50 -0.11
N HIS A 233 3.21 27.31 0.02
CA HIS A 233 2.52 26.69 -1.11
C HIS A 233 1.12 26.14 -0.74
N PRO A 234 0.16 27.04 -0.39
CA PRO A 234 -1.19 26.63 -0.05
C PRO A 234 -1.87 25.84 -1.16
N LEU A 235 -2.64 24.84 -0.75
CA LEU A 235 -3.37 24.01 -1.69
C LEU A 235 -4.63 24.75 -2.11
N GLY A 236 -4.92 24.70 -3.41
CA GLY A 236 -5.93 25.54 -4.00
C GLY A 236 -7.04 24.83 -4.72
N GLY A 237 -7.02 23.51 -4.77
CA GLY A 237 -8.15 22.87 -5.40
C GLY A 237 -9.21 22.43 -4.40
N TRP A 238 -10.07 21.48 -4.76
CA TRP A 238 -11.19 21.10 -3.92
C TRP A 238 -10.80 20.85 -2.47
N THR A 239 -11.57 21.38 -1.54
CA THR A 239 -11.38 21.12 -0.11
C THR A 239 -12.74 20.90 0.54
N LYS A 240 -12.76 20.33 1.73
CA LYS A 240 -14.05 20.02 2.35
C LYS A 240 -14.82 21.28 2.75
N ASP A 241 -16.12 21.10 2.96
CA ASP A 241 -17.06 22.20 3.25
C ASP A 241 -16.66 23.15 4.37
N ASP A 242 -16.16 22.61 5.47
CA ASP A 242 -15.92 23.47 6.63
C ASP A 242 -14.51 24.07 6.69
N ASP A 243 -13.70 23.85 5.64
CA ASP A 243 -12.37 24.45 5.55
C ASP A 243 -12.50 25.95 5.15
N VAL A 244 -11.49 26.73 5.51
CA VAL A 244 -11.46 28.16 5.16
C VAL A 244 -11.26 28.29 3.64
N PRO A 245 -12.12 29.08 2.97
CA PRO A 245 -12.00 29.25 1.51
C PRO A 245 -10.64 29.79 1.10
N LEU A 246 -10.13 29.34 -0.05
CA LEU A 246 -8.83 29.76 -0.54
C LEU A 246 -8.62 31.28 -0.56
N MET A 247 -9.62 32.03 -1.01
CA MET A 247 -9.48 33.49 -1.13
C MET A 247 -9.21 34.12 0.23
N TRP A 248 -9.87 33.61 1.27
CA TRP A 248 -9.65 34.05 2.63
C TRP A 248 -8.28 33.65 3.20
N ARG A 249 -7.85 32.42 2.93
CA ARG A 249 -6.53 31.95 3.35
C ARG A 249 -5.44 32.78 2.70
N MET A 250 -5.63 33.12 1.43
CA MET A 250 -4.64 33.95 0.73
C MET A 250 -4.51 35.36 1.32
N LYS A 251 -5.64 35.97 1.68
CA LYS A 251 -5.64 37.28 2.36
C LYS A 251 -4.94 37.17 3.71
N GLN A 252 -5.19 36.07 4.41
CA GLN A 252 -4.60 35.80 5.73
C GLN A 252 -3.07 35.59 5.64
N HIS A 253 -2.60 34.89 4.61
CA HIS A 253 -1.15 34.68 4.43
C HIS A 253 -0.45 35.98 4.08
N ALA A 254 -1.10 36.77 3.24
CA ALA A 254 -0.57 38.06 2.84
C ALA A 254 -0.43 38.99 4.02
N ALA A 255 -1.34 38.89 4.99
CA ALA A 255 -1.22 39.65 6.24
C ALA A 255 -0.02 39.19 7.07
N VAL A 256 0.22 37.88 7.12
CA VAL A 256 1.36 37.31 7.85
C VAL A 256 2.71 37.84 7.30
N LEU A 257 2.82 37.91 5.99
CA LEU A 257 4.01 38.42 5.32
C LEU A 257 4.14 39.93 5.55
N GLU A 258 3.02 40.63 5.40
CA GLU A 258 2.88 42.06 5.71
C GLU A 258 3.46 42.40 7.09
N GLU A 259 3.22 41.54 8.06
CA GLU A 259 3.74 41.72 9.43
C GLU A 259 5.17 41.23 9.57
N GLY A 260 5.70 40.60 8.53
CA GLY A 260 7.09 40.16 8.54
C GLY A 260 7.38 39.05 9.53
N VAL A 261 6.35 38.28 9.88
CA VAL A 261 6.54 37.05 10.64
C VAL A 261 7.24 36.10 9.68
N LEU A 262 6.83 36.18 8.41
CA LEU A 262 7.61 35.62 7.31
C LEU A 262 8.11 36.75 6.44
N ASN A 263 9.36 36.63 6.03
CA ASN A 263 10.01 37.65 5.22
C ASN A 263 9.58 37.58 3.77
N PRO A 264 8.91 38.64 3.25
CA PRO A 264 8.45 38.63 1.85
C PRO A 264 9.58 38.60 0.82
N GLU A 265 10.78 39.00 1.20
CA GLU A 265 11.91 39.01 0.25
C GLU A 265 12.48 37.62 -0.08
N THR A 266 12.34 36.70 0.87
CA THR A 266 12.95 35.38 0.77
C THR A 266 11.87 34.30 0.71
N THR A 267 10.71 34.69 0.20
CA THR A 267 9.52 33.83 0.18
C THR A 267 8.81 33.94 -1.16
N VAL A 268 8.48 32.79 -1.74
CA VAL A 268 7.60 32.74 -2.89
C VAL A 268 6.24 32.20 -2.45
N VAL A 269 5.17 32.96 -2.71
CA VAL A 269 3.83 32.43 -2.44
C VAL A 269 3.26 31.90 -3.76
N ALA A 270 2.72 30.70 -3.71
CA ALA A 270 2.03 30.16 -4.85
C ALA A 270 0.97 29.18 -4.39
N ILE A 271 0.01 28.90 -5.25
CA ILE A 271 -1.09 27.99 -5.00
C ILE A 271 -0.86 26.67 -5.77
N PHE A 272 -0.87 25.56 -5.03
CA PHE A 272 -0.81 24.22 -5.59
C PHE A 272 -2.22 23.81 -6.03
N PRO A 273 -2.40 23.40 -7.30
CA PRO A 273 -3.75 23.19 -7.87
C PRO A 273 -4.48 21.88 -7.50
N SER A 274 -3.84 21.04 -6.71
CA SER A 274 -4.39 19.72 -6.48
C SER A 274 -5.61 19.76 -5.58
N PRO A 275 -6.60 18.89 -5.89
CA PRO A 275 -7.67 18.57 -4.95
C PRO A 275 -7.05 18.01 -3.67
N MET A 276 -7.74 18.22 -2.56
CA MET A 276 -7.32 17.74 -1.26
C MET A 276 -8.15 16.48 -0.96
N MET A 277 -7.46 15.40 -0.63
CA MET A 277 -8.10 14.09 -0.51
C MET A 277 -8.24 13.65 0.94
N TYR A 278 -7.53 14.33 1.84
CA TYR A 278 -7.56 14.00 3.28
C TYR A 278 -7.23 12.52 3.45
N ALA A 279 -6.10 12.10 2.88
CA ALA A 279 -5.65 10.71 2.97
C ALA A 279 -4.36 10.52 3.77
N GLY A 280 -4.02 11.49 4.61
CA GLY A 280 -2.95 11.30 5.59
C GLY A 280 -1.64 10.90 4.94
N PRO A 281 -0.97 9.84 5.48
CA PRO A 281 0.36 9.42 4.99
C PRO A 281 0.46 9.15 3.49
N THR A 282 -0.61 8.62 2.89
CA THR A 282 -0.67 8.38 1.45
C THR A 282 -0.65 9.70 0.66
N GLU A 283 -1.45 10.65 1.12
CA GLU A 283 -1.48 11.97 0.50
C GLU A 283 -0.24 12.84 0.76
N VAL A 284 0.34 12.76 1.95
CA VAL A 284 1.53 13.57 2.22
C VAL A 284 2.69 13.30 1.21
N GLN A 285 2.79 12.06 0.76
CA GLN A 285 3.79 11.68 -0.23
C GLN A 285 3.55 12.41 -1.54
N TRP A 286 2.29 12.50 -1.94
CA TRP A 286 1.87 13.25 -3.12
C TRP A 286 2.18 14.74 -2.96
N HIS A 287 1.91 15.29 -1.80
CA HIS A 287 2.24 16.70 -1.57
C HIS A 287 3.74 16.89 -1.61
N CYS A 288 4.48 15.93 -1.04
CA CYS A 288 5.92 16.00 -1.06
C CYS A 288 6.49 15.86 -2.46
N ARG A 289 6.03 14.86 -3.22
CA ARG A 289 6.65 14.63 -4.53
C ARG A 289 6.39 15.76 -5.52
N ALA A 290 5.24 16.43 -5.38
CA ALA A 290 4.88 17.54 -6.26
C ALA A 290 5.82 18.74 -6.11
N ARG A 291 6.23 19.02 -4.87
CA ARG A 291 7.18 20.08 -4.60
C ARG A 291 8.57 19.70 -5.06
N MET A 292 8.88 18.40 -5.07
CA MET A 292 10.15 17.91 -5.62
C MET A 292 10.23 18.22 -7.11
N VAL A 293 9.13 18.06 -7.83
CA VAL A 293 9.05 18.42 -9.25
C VAL A 293 9.31 19.92 -9.46
N ALA A 294 8.85 20.75 -8.52
CA ALA A 294 9.05 22.20 -8.60
C ALA A 294 10.41 22.67 -8.05
N GLY A 295 11.30 21.73 -7.77
CA GLY A 295 12.66 22.11 -7.36
C GLY A 295 12.87 22.33 -5.86
N ALA A 296 11.92 21.93 -5.03
CA ALA A 296 12.15 22.02 -3.59
C ALA A 296 13.25 21.02 -3.20
N ASN A 297 14.16 21.43 -2.33
CA ASN A 297 15.25 20.58 -1.83
C ASN A 297 14.91 20.04 -0.44
N PHE A 298 14.08 20.78 0.28
CA PHE A 298 13.63 20.41 1.62
C PHE A 298 12.14 20.53 1.69
N TYR A 299 11.54 19.66 2.49
CA TYR A 299 10.11 19.65 2.64
C TYR A 299 9.82 19.51 4.12
N ILE A 300 9.08 20.50 4.63
CA ILE A 300 8.66 20.53 6.03
C ILE A 300 7.40 19.70 6.21
N VAL A 301 7.44 18.78 7.18
CA VAL A 301 6.27 18.03 7.61
C VAL A 301 6.17 18.00 9.15
N GLY A 302 4.98 18.25 9.68
CA GLY A 302 4.74 18.14 11.11
C GLY A 302 3.85 16.95 11.47
N ARG A 303 3.10 17.08 12.56
CA ARG A 303 2.17 16.05 12.99
C ARG A 303 0.90 16.06 12.13
N ASP A 304 0.29 14.88 12.01
CA ASP A 304 -0.96 14.66 11.27
C ASP A 304 -1.14 15.38 9.91
N PRO A 305 -0.11 15.35 9.04
CA PRO A 305 -0.26 16.04 7.75
C PRO A 305 -1.35 15.38 6.93
N ALA A 306 -2.13 16.18 6.21
CA ALA A 306 -3.21 15.67 5.36
C ALA A 306 -4.27 14.88 6.14
N GLY A 307 -4.29 15.04 7.44
CA GLY A 307 -5.20 14.26 8.27
C GLY A 307 -6.56 14.92 8.41
N MET A 308 -7.48 14.20 9.03
CA MET A 308 -8.75 14.76 9.45
C MET A 308 -9.34 13.82 10.50
N PRO A 309 -10.30 14.32 11.30
CA PRO A 309 -10.96 13.43 12.26
C PRO A 309 -11.89 12.41 11.57
N HIS A 310 -12.08 11.28 12.22
CA HIS A 310 -13.07 10.31 11.76
C HIS A 310 -14.44 10.98 11.91
N PRO A 311 -15.21 11.06 10.80
CA PRO A 311 -16.53 11.73 10.79
C PRO A 311 -17.42 11.29 11.96
N GLU A 312 -17.29 10.01 12.33
CA GLU A 312 -18.11 9.40 13.37
C GLU A 312 -17.52 9.64 14.76
N THR A 313 -16.36 9.02 15.04
CA THR A 313 -15.77 9.01 16.39
C THR A 313 -15.00 10.28 16.77
N GLY A 314 -14.53 11.04 15.78
CA GLY A 314 -13.77 12.27 16.05
C GLY A 314 -12.30 12.01 16.33
N LYS A 315 -11.95 10.74 16.49
CA LYS A 315 -10.58 10.32 16.64
C LYS A 315 -9.85 10.58 15.32
N ASP A 316 -8.56 10.94 15.39
CA ASP A 316 -7.75 11.10 14.17
C ASP A 316 -7.95 9.91 13.25
N LEU A 317 -8.28 10.18 12.00
CA LEU A 317 -8.32 9.14 10.98
C LEU A 317 -6.96 8.42 10.90
N TYR A 318 -5.88 9.18 11.05
CA TYR A 318 -4.53 8.64 10.95
C TYR A 318 -3.74 8.91 12.22
N GLU A 319 -2.87 7.98 12.58
CA GLU A 319 -1.95 8.21 13.67
C GLU A 319 -1.08 9.43 13.37
N PRO A 320 -1.13 10.49 14.21
CA PRO A 320 -0.48 11.79 13.93
C PRO A 320 1.03 11.78 13.60
N SER A 321 1.78 10.80 14.09
CA SER A 321 3.19 10.69 13.77
C SER A 321 3.50 9.92 12.47
N HIS A 322 2.49 9.26 11.89
CA HIS A 322 2.73 8.36 10.78
C HIS A 322 3.11 9.07 9.49
N GLY A 323 2.46 10.19 9.21
CA GLY A 323 2.78 11.03 8.06
C GLY A 323 4.27 11.33 7.97
N ALA A 324 4.85 11.90 9.02
CA ALA A 324 6.28 12.24 9.00
C ALA A 324 7.20 11.00 8.93
N LYS A 325 6.85 9.95 9.67
CA LYS A 325 7.57 8.66 9.61
C LYS A 325 7.55 8.02 8.22
N VAL A 326 6.35 7.86 7.65
CA VAL A 326 6.23 7.30 6.29
C VAL A 326 6.99 8.13 5.28
N LEU A 327 6.81 9.44 5.30
CA LEU A 327 7.48 10.32 4.37
C LEU A 327 9.01 10.23 4.43
N THR A 328 9.57 10.15 5.63
CA THR A 328 11.04 10.09 5.77
C THR A 328 11.64 8.81 5.20
N MET A 329 10.85 7.75 5.12
CA MET A 329 11.36 6.49 4.59
C MET A 329 10.75 6.11 3.24
N ALA A 330 10.00 7.03 2.63
CA ALA A 330 9.31 6.74 1.38
C ALA A 330 10.27 6.69 0.19
N PRO A 331 10.02 5.76 -0.73
CA PRO A 331 10.80 5.63 -1.95
C PRO A 331 10.43 6.63 -3.04
N GLY A 332 11.39 6.93 -3.91
CA GLY A 332 11.15 7.76 -5.08
C GLY A 332 11.16 9.25 -4.81
N LEU A 333 11.82 9.64 -3.73
CA LEU A 333 11.92 11.04 -3.33
C LEU A 333 13.40 11.33 -3.08
N ILE A 334 14.22 10.88 -4.01
CA ILE A 334 15.65 10.73 -3.77
C ILE A 334 16.42 12.05 -3.70
N THR A 335 15.89 13.11 -4.31
CA THR A 335 16.57 14.41 -4.30
C THR A 335 15.98 15.43 -3.33
N LEU A 336 15.13 15.00 -2.43
CA LEU A 336 14.46 15.91 -1.53
C LEU A 336 14.73 15.44 -0.11
N GLU A 337 15.04 16.39 0.78
CA GLU A 337 15.28 16.06 2.17
C GLU A 337 14.06 16.41 3.00
N ILE A 338 13.56 15.44 3.76
CA ILE A 338 12.37 15.65 4.56
C ILE A 338 12.85 16.32 5.85
N VAL A 339 12.14 17.35 6.29
CA VAL A 339 12.45 18.05 7.54
C VAL A 339 11.27 17.85 8.50
N PRO A 340 11.34 16.81 9.32
CA PRO A 340 10.22 16.48 10.20
C PRO A 340 10.21 17.29 11.50
N PHE A 341 9.02 17.70 11.93
CA PHE A 341 8.87 18.48 13.14
C PHE A 341 7.93 17.86 14.12
N ARG A 342 8.18 18.17 15.39
CA ARG A 342 7.32 17.79 16.50
C ARG A 342 6.18 18.80 16.61
N VAL A 343 5.23 18.52 17.47
CA VAL A 343 4.06 19.39 17.66
C VAL A 343 4.50 20.77 18.16
N ALA A 344 4.02 21.82 17.50
CA ALA A 344 4.13 23.19 18.01
C ALA A 344 2.78 23.57 18.61
N ALA A 345 2.81 24.34 19.70
CA ALA A 345 1.59 24.73 20.41
C ALA A 345 1.86 25.99 21.23
N TYR A 346 0.82 26.72 21.58
CA TYR A 346 0.97 27.95 22.37
C TYR A 346 1.44 27.68 23.80
N ASN A 347 2.64 28.16 24.09
CA ASN A 347 3.17 28.11 25.44
C ASN A 347 2.71 29.36 26.24
N LYS A 348 2.02 29.12 27.35
CA LYS A 348 1.50 30.19 28.21
C LYS A 348 2.58 30.80 29.09
N LYS A 349 3.43 29.95 29.67
CA LYS A 349 4.56 30.42 30.48
C LYS A 349 5.54 31.28 29.68
N LYS A 350 5.70 30.96 28.39
CA LYS A 350 6.59 31.73 27.51
C LYS A 350 5.88 32.81 26.68
N LYS A 351 4.55 32.81 26.71
CA LYS A 351 3.74 33.78 25.93
C LYS A 351 3.90 33.70 24.39
N ARG A 352 4.45 32.59 23.90
CA ARG A 352 4.75 32.40 22.48
C ARG A 352 4.40 30.99 21.99
N MET A 353 4.47 30.76 20.68
CA MET A 353 4.33 29.42 20.12
C MET A 353 5.64 28.69 20.35
N ASP A 354 5.55 27.43 20.76
CA ASP A 354 6.72 26.67 21.16
C ASP A 354 6.51 25.17 20.90
N TYR A 355 7.59 24.40 20.95
CA TYR A 355 7.51 22.97 20.75
C TYR A 355 6.92 22.27 21.95
N TYR A 356 5.89 21.49 21.70
CA TYR A 356 5.15 20.81 22.74
C TYR A 356 6.04 19.85 23.52
N ASP A 357 5.94 19.94 24.84
CA ASP A 357 6.69 19.06 25.74
C ASP A 357 5.82 18.69 26.95
N SER A 358 5.80 17.40 27.27
CA SER A 358 4.94 16.83 28.33
C SER A 358 5.32 17.20 29.78
N GLU A 359 6.60 17.17 30.11
CA GLU A 359 7.08 17.66 31.43
C GLU A 359 6.53 19.04 31.79
N HIS A 360 6.13 19.79 30.78
CA HIS A 360 5.56 21.11 30.98
C HIS A 360 4.21 21.27 30.28
N HIS A 361 3.51 20.14 30.15
CA HIS A 361 2.22 20.03 29.47
C HIS A 361 1.16 21.08 29.84
N GLU A 362 1.12 21.47 31.12
CA GLU A 362 0.14 22.45 31.60
C GLU A 362 0.46 23.88 31.15
N ASP A 363 1.65 24.07 30.59
CA ASP A 363 2.07 25.37 30.03
C ASP A 363 1.52 25.59 28.63
N PHE A 364 1.02 24.53 27.99
CA PHE A 364 0.59 24.57 26.59
C PHE A 364 -0.92 24.63 26.42
N GLU A 365 -1.36 25.20 25.31
CA GLU A 365 -2.76 25.20 24.94
C GLU A 365 -2.92 24.96 23.46
N PHE A 366 -3.82 24.04 23.08
CA PHE A 366 -4.17 23.82 21.68
C PHE A 366 -5.26 24.80 21.20
N ILE A 367 -4.87 25.70 20.31
CA ILE A 367 -5.79 26.69 19.76
C ILE A 367 -6.19 26.28 18.35
N SER A 368 -7.39 25.71 18.23
CA SER A 368 -7.89 25.14 16.97
C SER A 368 -8.69 26.14 16.13
N GLY A 369 -9.24 25.64 15.02
CA GLY A 369 -10.21 26.40 14.23
C GLY A 369 -11.49 26.74 14.98
N THR A 370 -11.89 25.89 15.93
CA THR A 370 -13.14 26.11 16.67
C THR A 370 -12.94 27.01 17.89
N ARG A 371 -11.75 26.95 18.47
CA ARG A 371 -11.34 27.90 19.50
C ARG A 371 -11.35 29.32 18.92
N MET A 372 -10.91 29.44 17.66
CA MET A 372 -10.80 30.73 16.97
C MET A 372 -12.13 31.30 16.52
N ARG A 373 -13.00 30.43 16.01
CA ARG A 373 -14.36 30.82 15.66
C ARG A 373 -15.15 31.24 16.91
N LYS A 374 -14.88 30.61 18.05
CA LYS A 374 -15.51 30.98 19.32
C LYS A 374 -15.05 32.34 19.83
N LEU A 375 -13.74 32.59 19.77
CA LEU A 375 -13.18 33.87 20.21
C LEU A 375 -13.59 35.03 19.29
N ALA A 376 -13.90 34.70 18.04
CA ALA A 376 -14.37 35.68 17.05
C ALA A 376 -15.78 36.20 17.39
N ARG A 377 -16.71 35.28 17.69
CA ARG A 377 -18.04 35.64 18.20
C ARG A 377 -17.98 35.84 19.72
N GLU A 378 -17.26 36.88 20.14
CA GLU A 378 -16.97 37.15 21.54
C GLU A 378 -16.06 38.38 21.68
N GLY A 379 -15.55 38.85 20.55
CA GLY A 379 -14.64 40.01 20.52
C GLY A 379 -13.34 39.76 21.27
N GLN A 380 -12.94 38.50 21.33
CA GLN A 380 -11.68 38.12 21.98
C GLN A 380 -10.63 37.73 20.94
N LYS A 381 -9.40 38.17 21.18
CA LYS A 381 -8.26 37.80 20.34
C LYS A 381 -7.70 36.51 20.92
N PRO A 382 -6.99 35.70 20.11
CA PRO A 382 -6.24 34.61 20.71
C PRO A 382 -5.07 35.20 21.51
N PRO A 383 -4.44 34.40 22.38
CA PRO A 383 -3.35 34.98 23.15
C PRO A 383 -2.29 35.62 22.28
N GLU A 384 -1.64 36.65 22.81
CA GLU A 384 -0.58 37.37 22.10
C GLU A 384 0.54 36.40 21.71
N GLY A 385 0.80 36.32 20.42
CA GLY A 385 1.86 35.47 19.88
C GLY A 385 1.37 34.25 19.13
N PHE A 386 0.07 34.00 19.15
CA PHE A 386 -0.51 32.89 18.41
C PHE A 386 -0.60 33.18 16.91
N MET A 387 -0.93 34.42 16.56
CA MET A 387 -1.07 34.85 15.18
C MET A 387 -0.70 36.33 15.05
N ALA A 388 -0.21 36.72 13.88
CA ALA A 388 -0.01 38.12 13.55
C ALA A 388 -1.34 38.89 13.64
N PRO A 389 -1.36 40.03 14.35
CA PRO A 389 -2.58 40.84 14.57
C PRO A 389 -3.39 41.10 13.29
N LYS A 390 -2.71 41.51 12.21
CA LYS A 390 -3.38 41.77 10.94
C LYS A 390 -3.96 40.50 10.32
N ALA A 391 -3.29 39.35 10.50
CA ALA A 391 -3.78 38.07 9.99
C ALA A 391 -5.03 37.63 10.75
N TRP A 392 -5.02 37.82 12.08
CA TRP A 392 -6.21 37.57 12.91
C TRP A 392 -7.39 38.40 12.42
N THR A 393 -7.15 39.67 12.10
CA THR A 393 -8.18 40.59 11.60
C THR A 393 -8.86 40.06 10.36
N VAL A 394 -8.07 39.51 9.45
CA VAL A 394 -8.60 38.92 8.22
C VAL A 394 -9.54 37.77 8.56
N LEU A 395 -9.21 37.02 9.60
CA LEU A 395 -10.04 35.89 10.00
C LEU A 395 -11.36 36.31 10.65
N THR A 396 -11.30 37.34 11.51
CA THR A 396 -12.51 37.90 12.10
C THR A 396 -13.48 38.39 11.02
N GLU A 397 -12.95 38.99 9.96
CA GLU A 397 -13.77 39.37 8.81
C GLU A 397 -14.34 38.14 8.12
N TYR A 398 -13.54 37.08 8.02
CA TYR A 398 -14.03 35.81 7.46
C TYR A 398 -15.18 35.23 8.30
N TYR A 399 -14.99 35.15 9.61
CA TYR A 399 -16.02 34.64 10.53
C TYR A 399 -17.27 35.51 10.51
N LYS A 400 -17.10 36.82 10.52
CA LYS A 400 -18.22 37.75 10.30
C LYS A 400 -19.10 37.32 9.14
N SER A 401 -18.49 37.08 7.97
CA SER A 401 -19.21 36.75 6.73
C SER A 401 -19.93 35.39 6.73
N LEU A 402 -19.62 34.53 7.71
CA LEU A 402 -20.27 33.21 7.80
C LEU A 402 -21.77 33.33 8.09
N GLU A 403 -22.12 34.28 8.94
CA GLU A 403 -23.51 34.67 9.12
C GLU A 403 -23.65 36.19 9.14
N TYR B 13 21.86 -14.66 -1.05
CA TYR B 13 21.58 -13.99 0.27
C TYR B 13 21.55 -15.01 1.42
N GLU B 14 22.09 -14.62 2.57
CA GLU B 14 22.06 -15.46 3.75
C GLU B 14 20.68 -15.40 4.40
N VAL B 15 20.20 -16.57 4.83
CA VAL B 15 18.93 -16.70 5.52
C VAL B 15 19.19 -16.39 6.99
N LYS B 16 18.40 -15.50 7.56
CA LYS B 16 18.57 -15.16 8.97
C LYS B 16 17.59 -15.93 9.84
N GLU B 17 18.04 -17.08 10.35
CA GLU B 17 17.27 -17.85 11.31
C GLU B 17 17.28 -17.11 12.61
N LEU B 18 16.19 -17.22 13.38
CA LEU B 18 16.09 -16.54 14.66
C LEU B 18 16.15 -17.51 15.85
N TYR B 19 16.45 -18.77 15.55
CA TYR B 19 16.71 -19.78 16.59
C TYR B 19 18.00 -19.44 17.37
N VAL B 20 17.93 -19.51 18.70
CA VAL B 20 19.13 -19.44 19.59
C VAL B 20 20.09 -20.58 19.23
N PRO B 21 21.38 -20.27 18.95
CA PRO B 21 22.32 -21.32 18.57
C PRO B 21 22.44 -22.47 19.58
N GLU B 22 22.72 -23.65 19.05
CA GLU B 22 22.68 -24.90 19.83
C GLU B 22 23.47 -24.79 21.14
N ASN B 23 24.70 -24.32 21.07
CA ASN B 23 25.54 -24.15 22.26
C ASN B 23 24.94 -23.22 23.32
N LYS B 24 24.20 -22.19 22.89
CA LYS B 24 23.66 -21.18 23.81
C LYS B 24 22.21 -21.44 24.29
N LEU B 25 21.66 -22.58 23.87
CA LEU B 25 20.25 -22.91 24.11
C LEU B 25 19.85 -23.03 25.59
N HIS B 26 20.69 -23.70 26.38
CA HIS B 26 20.34 -23.91 27.78
C HIS B 26 20.36 -22.62 28.61
N LEU B 27 21.40 -21.82 28.41
CA LEU B 27 21.53 -20.51 29.06
C LEU B 27 20.32 -19.62 28.77
N ALA B 28 19.83 -19.64 27.54
CA ALA B 28 18.65 -18.87 27.13
C ALA B 28 17.35 -19.40 27.75
N LYS B 29 17.19 -20.73 27.79
CA LYS B 29 16.03 -21.36 28.46
C LYS B 29 15.99 -21.01 29.95
N THR B 30 17.17 -20.92 30.57
CA THR B 30 17.30 -20.50 31.96
C THR B 30 16.78 -19.08 32.17
N ASP B 31 17.27 -18.15 31.37
CA ASP B 31 16.85 -16.75 31.43
C ASP B 31 15.34 -16.58 31.19
N ALA B 32 14.81 -17.32 30.22
CA ALA B 32 13.39 -17.27 29.86
C ALA B 32 12.46 -17.58 31.03
N GLU B 33 12.92 -18.43 31.95
CA GLU B 33 12.12 -18.87 33.08
C GLU B 33 11.83 -17.78 34.10
N THR B 34 12.79 -16.86 34.24
CA THR B 34 12.72 -15.77 35.20
C THR B 34 11.89 -14.55 34.72
N LEU B 35 11.79 -14.40 33.40
CA LEU B 35 11.06 -13.29 32.78
C LEU B 35 9.55 -13.44 32.91
N PRO B 36 8.78 -12.33 32.79
CA PRO B 36 7.34 -12.48 32.62
C PRO B 36 7.00 -13.24 31.34
N ALA B 37 5.74 -13.65 31.21
CA ALA B 37 5.31 -14.44 30.08
C ALA B 37 4.03 -13.93 29.43
N LEU B 38 3.96 -14.09 28.12
CA LEU B 38 2.75 -13.81 27.38
C LEU B 38 2.31 -15.10 26.68
N LYS B 39 1.06 -15.49 26.90
CA LYS B 39 0.51 -16.68 26.26
C LYS B 39 0.00 -16.37 24.84
N ILE B 40 0.44 -17.18 23.89
CA ILE B 40 0.09 -17.02 22.47
C ILE B 40 -0.67 -18.25 21.97
N ASN B 41 -1.50 -18.08 20.94
CA ASN B 41 -2.22 -19.21 20.35
C ASN B 41 -1.50 -19.88 19.19
N LYS B 42 -2.16 -20.87 18.58
CA LYS B 42 -1.58 -21.69 17.53
C LYS B 42 -1.11 -20.89 16.33
N VAL B 43 -1.92 -19.93 15.89
CA VAL B 43 -1.58 -19.05 14.77
C VAL B 43 -0.32 -18.22 15.04
N ASP B 44 -0.25 -17.58 16.21
CA ASP B 44 0.96 -16.86 16.63
C ASP B 44 2.16 -17.80 16.64
N MET B 45 1.96 -19.01 17.17
CA MET B 45 2.99 -20.04 17.14
C MET B 45 3.47 -20.36 15.70
N GLN B 46 2.54 -20.43 14.75
CA GLN B 46 2.93 -20.62 13.35
C GLN B 46 3.73 -19.42 12.82
N TRP B 47 3.35 -18.20 13.20
CA TRP B 47 4.17 -17.01 12.88
C TRP B 47 5.52 -17.03 13.56
N VAL B 48 5.58 -17.51 14.80
CA VAL B 48 6.86 -17.71 15.45
C VAL B 48 7.70 -18.68 14.62
N GLN B 49 7.09 -19.75 14.11
CA GLN B 49 7.86 -20.69 13.27
C GLN B 49 8.37 -20.06 11.97
N VAL B 50 7.48 -19.36 11.27
CA VAL B 50 7.85 -18.63 10.06
C VAL B 50 9.07 -17.73 10.30
N LEU B 51 9.08 -17.06 11.45
CA LEU B 51 10.17 -16.13 11.78
C LEU B 51 11.45 -16.84 12.16
N ALA B 52 11.35 -17.85 13.04
CA ALA B 52 12.51 -18.62 13.50
C ALA B 52 13.35 -19.23 12.37
N GLU B 53 12.66 -19.69 11.34
CA GLU B 53 13.26 -20.46 10.26
C GLU B 53 13.82 -19.58 9.16
N GLY B 54 13.52 -18.29 9.23
CA GLY B 54 14.14 -17.30 8.36
C GLY B 54 13.32 -16.91 7.15
N TRP B 55 12.05 -17.29 7.11
CA TRP B 55 11.19 -17.03 5.95
C TRP B 55 10.96 -15.55 5.71
N ALA B 56 11.00 -14.77 6.79
CA ALA B 56 10.83 -13.33 6.76
C ALA B 56 12.17 -12.57 6.91
N THR B 57 13.27 -13.21 6.50
CA THR B 57 14.59 -12.55 6.46
C THR B 57 14.44 -11.22 5.72
N PRO B 58 15.07 -10.13 6.23
CA PRO B 58 15.95 -10.04 7.40
C PRO B 58 15.33 -9.56 8.73
N LEU B 59 14.06 -9.78 8.97
CA LEU B 59 13.49 -9.38 10.26
C LEU B 59 14.26 -10.01 11.42
N ASN B 60 14.47 -9.26 12.48
CA ASN B 60 15.08 -9.79 13.73
C ASN B 60 14.03 -10.21 14.76
N GLY B 61 12.76 -10.07 14.42
CA GLY B 61 11.68 -10.47 15.32
C GLY B 61 10.33 -9.99 14.83
N PHE B 62 9.37 -9.86 15.73
CA PHE B 62 8.08 -9.28 15.36
C PHE B 62 8.27 -7.80 15.00
N MET B 63 7.59 -7.36 13.94
CA MET B 63 7.78 -6.02 13.39
C MET B 63 7.58 -4.94 14.42
N ARG B 64 8.55 -4.04 14.50
CA ARG B 64 8.38 -2.77 15.21
C ARG B 64 7.54 -1.85 14.31
N GLU B 65 7.07 -0.74 14.86
CA GLU B 65 6.23 0.23 14.13
C GLU B 65 6.82 0.62 12.80
N ARG B 66 8.14 0.81 12.76
CA ARG B 66 8.82 1.25 11.56
C ARG B 66 8.70 0.27 10.36
N GLU B 67 8.89 -1.02 10.62
CA GLU B 67 8.72 -2.05 9.58
C GLU B 67 7.27 -2.25 9.20
N TYR B 68 6.39 -2.16 10.19
CA TYR B 68 4.96 -2.29 9.99
C TYR B 68 4.47 -1.25 8.98
N LEU B 69 4.87 -0.01 9.16
CA LEU B 69 4.53 1.08 8.23
C LEU B 69 5.03 0.80 6.83
N GLN B 70 6.27 0.32 6.72
CA GLN B 70 6.91 0.02 5.44
C GLN B 70 6.21 -1.07 4.67
N CYS B 71 5.76 -2.11 5.36
CA CYS B 71 5.08 -3.19 4.65
C CYS B 71 3.65 -2.79 4.27
N LEU B 72 2.98 -2.05 5.15
CA LEU B 72 1.62 -1.56 4.85
C LEU B 72 1.54 -0.53 3.72
N HIS B 73 2.48 0.40 3.66
CA HIS B 73 2.48 1.43 2.61
C HIS B 73 3.22 1.08 1.33
N PHE B 74 4.30 0.30 1.43
CA PHE B 74 5.20 0.09 0.31
C PHE B 74 5.37 -1.36 -0.12
N ASP B 75 4.86 -2.29 0.68
CA ASP B 75 5.03 -3.74 0.43
C ASP B 75 6.50 -4.18 0.41
N CYS B 76 7.37 -3.34 0.95
CA CYS B 76 8.82 -3.62 1.05
C CYS B 76 9.42 -3.21 2.39
N LEU B 77 10.33 -4.05 2.87
CA LEU B 77 11.27 -3.72 3.93
C LEU B 77 12.38 -2.88 3.30
N LEU B 78 12.70 -1.74 3.90
CA LEU B 78 13.55 -0.75 3.24
C LEU B 78 14.92 -0.66 3.86
N ASP B 79 15.04 -1.03 5.14
CA ASP B 79 16.31 -0.96 5.86
C ASP B 79 17.13 -2.22 5.57
N GLY B 80 18.29 -2.04 4.97
CA GLY B 80 19.15 -3.17 4.58
C GLY B 80 19.10 -3.46 3.10
N GLY B 81 18.39 -2.63 2.35
CA GLY B 81 18.14 -2.90 0.95
C GLY B 81 16.68 -3.23 0.76
N VAL B 82 16.14 -2.89 -0.40
CA VAL B 82 14.75 -3.14 -0.70
C VAL B 82 14.55 -4.65 -0.84
N ILE B 83 13.64 -5.18 -0.03
CA ILE B 83 13.24 -6.56 -0.16
C ILE B 83 11.75 -6.63 0.13
N ASN B 84 11.04 -7.32 -0.75
CA ASN B 84 9.61 -7.41 -0.63
C ASN B 84 9.19 -8.07 0.68
N LEU B 85 8.24 -7.44 1.36
CA LEU B 85 7.54 -8.01 2.52
C LEU B 85 6.24 -7.24 2.60
N SER B 86 5.15 -7.88 2.22
CA SER B 86 3.89 -7.17 2.00
C SER B 86 2.85 -7.46 3.09
N VAL B 87 3.16 -8.37 4.00
CA VAL B 87 2.25 -8.67 5.10
C VAL B 87 2.88 -8.32 6.44
N PRO B 88 2.08 -7.76 7.36
CA PRO B 88 2.55 -7.54 8.72
C PRO B 88 2.80 -8.89 9.41
N ILE B 89 3.94 -8.98 10.09
CA ILE B 89 4.20 -10.10 11.00
C ILE B 89 4.39 -9.48 12.36
N VAL B 90 3.31 -9.51 13.12
CA VAL B 90 3.15 -8.71 14.30
C VAL B 90 2.60 -9.59 15.38
N LEU B 91 2.83 -9.19 16.63
CA LEU B 91 2.30 -9.87 17.78
C LEU B 91 1.31 -8.92 18.43
N THR B 92 0.08 -9.38 18.65
CA THR B 92 -0.96 -8.53 19.22
C THR B 92 -0.98 -8.67 20.75
N ALA B 93 -1.67 -7.75 21.42
CA ALA B 93 -1.70 -7.71 22.89
C ALA B 93 -2.79 -6.77 23.37
N THR B 94 -3.46 -7.14 24.47
CA THR B 94 -4.52 -6.32 25.06
C THR B 94 -3.93 -5.16 25.85
N HIS B 95 -4.79 -4.27 26.37
CA HIS B 95 -4.28 -3.21 27.24
C HIS B 95 -3.79 -3.81 28.56
N GLU B 96 -4.51 -4.81 29.06
CA GLU B 96 -4.07 -5.63 30.19
C GLU B 96 -2.65 -6.17 29.98
N ASP B 97 -2.45 -6.89 28.87
CA ASP B 97 -1.12 -7.37 28.46
C ASP B 97 -0.09 -6.25 28.43
N LYS B 98 -0.48 -5.12 27.83
CA LYS B 98 0.43 -3.98 27.68
C LYS B 98 0.82 -3.39 29.04
N GLU B 99 -0.17 -3.09 29.87
CA GLU B 99 0.09 -2.54 31.20
C GLU B 99 0.92 -3.48 32.07
N ARG B 100 0.78 -4.78 31.87
CA ARG B 100 1.60 -5.74 32.60
C ARG B 100 3.06 -5.76 32.12
N LEU B 101 3.26 -5.70 30.80
CA LEU B 101 4.58 -5.94 30.21
C LEU B 101 5.36 -4.67 29.81
N ASP B 102 4.65 -3.55 29.69
CA ASP B 102 5.25 -2.26 29.35
C ASP B 102 6.26 -1.87 30.44
N GLY B 103 7.49 -1.58 30.04
CA GLY B 103 8.53 -1.20 30.98
C GLY B 103 9.47 -2.33 31.37
N CYS B 104 9.40 -3.45 30.67
CA CYS B 104 10.39 -4.49 30.85
C CYS B 104 11.18 -4.71 29.56
N THR B 105 12.44 -5.12 29.70
CA THR B 105 13.38 -5.20 28.59
C THR B 105 13.34 -6.55 27.87
N ALA B 106 12.54 -7.49 28.39
CA ALA B 106 12.37 -8.82 27.80
C ALA B 106 11.26 -9.61 28.49
N PHE B 107 10.53 -10.39 27.70
CA PHE B 107 9.57 -11.34 28.22
C PHE B 107 9.51 -12.59 27.34
N ALA B 108 8.99 -13.67 27.92
CA ALA B 108 8.92 -14.96 27.26
C ALA B 108 7.57 -15.15 26.61
N LEU B 109 7.60 -15.83 25.46
CA LEU B 109 6.39 -16.25 24.77
C LEU B 109 6.05 -17.68 25.17
N MET B 110 4.78 -17.92 25.46
CA MET B 110 4.36 -19.20 25.95
C MET B 110 3.23 -19.78 25.12
N TYR B 111 3.40 -21.04 24.75
CA TYR B 111 2.39 -21.79 24.04
C TYR B 111 2.29 -23.20 24.66
N GLU B 112 1.06 -23.64 24.94
CA GLU B 112 0.79 -24.95 25.55
C GLU B 112 1.68 -25.18 26.77
N GLY B 113 1.66 -24.23 27.70
CA GLY B 113 2.47 -24.31 28.91
C GLY B 113 3.97 -24.26 28.73
N ARG B 114 4.46 -24.26 27.50
CA ARG B 114 5.92 -24.17 27.26
C ARG B 114 6.39 -22.77 26.84
N ARG B 115 7.52 -22.35 27.40
CA ARG B 115 8.16 -21.08 27.04
C ARG B 115 8.93 -21.27 25.75
N VAL B 116 8.38 -20.74 24.65
CA VAL B 116 8.85 -21.05 23.30
C VAL B 116 9.84 -20.05 22.69
N ALA B 117 9.87 -18.82 23.23
CA ALA B 117 10.74 -17.76 22.70
C ALA B 117 10.96 -16.62 23.70
N ILE B 118 11.99 -15.82 23.48
CA ILE B 118 12.18 -14.56 24.21
C ILE B 118 12.04 -13.40 23.25
N LEU B 119 11.16 -12.46 23.58
CA LEU B 119 11.09 -11.17 22.90
C LEU B 119 11.80 -10.08 23.70
N ARG B 120 12.90 -9.58 23.14
CA ARG B 120 13.75 -8.58 23.80
C ARG B 120 13.48 -7.16 23.30
N ASN B 121 13.70 -6.20 24.20
CA ASN B 121 13.59 -4.78 23.88
C ASN B 121 12.32 -4.47 23.11
N PRO B 122 11.15 -4.76 23.73
CA PRO B 122 9.87 -4.62 23.06
C PRO B 122 9.41 -3.17 22.92
N GLU B 123 8.71 -2.87 21.83
CA GLU B 123 8.01 -1.60 21.71
C GLU B 123 6.54 -1.82 21.43
N PHE B 124 5.72 -1.03 22.09
CA PHE B 124 4.27 -1.13 21.99
C PHE B 124 3.75 -0.03 21.08
N PHE B 125 2.92 -0.42 20.12
CA PHE B 125 2.35 0.55 19.21
C PHE B 125 0.93 0.17 18.87
N GLU B 126 0.16 1.11 18.34
CA GLU B 126 -1.23 0.91 18.07
C GLU B 126 -1.46 -0.07 16.92
N HIS B 127 -2.36 -1.02 17.13
CA HIS B 127 -2.71 -1.98 16.12
C HIS B 127 -3.43 -1.29 14.95
N ARG B 128 -4.38 -0.43 15.28
CA ARG B 128 -5.20 0.28 14.30
C ARG B 128 -5.76 -0.69 13.26
N LYS B 129 -6.64 -1.57 13.76
CA LYS B 129 -7.15 -2.71 13.01
C LYS B 129 -7.86 -2.31 11.73
N GLU B 130 -8.74 -1.29 11.78
CA GLU B 130 -9.46 -0.84 10.59
C GLU B 130 -8.49 -0.49 9.46
N GLU B 131 -7.49 0.34 9.76
CA GLU B 131 -6.51 0.75 8.73
C GLU B 131 -5.68 -0.44 8.26
N ARG B 132 -5.16 -1.22 9.20
CA ARG B 132 -4.39 -2.43 8.85
C ARG B 132 -5.16 -3.33 7.89
N CYS B 133 -6.39 -3.66 8.25
CA CYS B 133 -7.23 -4.51 7.44
C CYS B 133 -7.59 -3.94 6.06
N ALA B 134 -7.82 -2.62 6.01
CA ALA B 134 -8.19 -1.97 4.77
C ALA B 134 -7.00 -1.99 3.81
N ARG B 135 -5.81 -1.73 4.33
CA ARG B 135 -4.61 -1.67 3.50
C ARG B 135 -4.09 -3.06 3.10
N GLN B 136 -4.15 -4.00 4.04
CA GLN B 136 -3.72 -5.38 3.80
C GLN B 136 -4.67 -6.18 2.90
N TRP B 137 -5.98 -6.10 3.17
CA TRP B 137 -6.93 -6.90 2.41
C TRP B 137 -7.70 -6.17 1.33
N GLY B 138 -7.70 -4.84 1.36
CA GLY B 138 -8.54 -4.07 0.44
C GLY B 138 -10.01 -4.07 0.82
N THR B 139 -10.29 -4.28 2.11
CA THR B 139 -11.65 -4.43 2.64
C THR B 139 -11.61 -4.60 4.17
N THR B 140 -12.75 -4.37 4.85
CA THR B 140 -12.77 -4.62 6.30
C THR B 140 -13.92 -5.53 6.73
N CYS B 141 -14.37 -6.39 5.80
CA CYS B 141 -15.41 -7.37 6.08
C CYS B 141 -15.01 -8.28 7.24
N LYS B 142 -15.69 -8.13 8.37
CA LYS B 142 -15.37 -8.97 9.54
C LYS B 142 -15.94 -10.39 9.40
N ASN B 143 -16.45 -10.70 8.20
CA ASN B 143 -16.80 -12.08 7.86
C ASN B 143 -15.72 -12.80 7.05
N HIS B 144 -14.67 -12.06 6.69
CA HIS B 144 -13.45 -12.65 6.16
C HIS B 144 -12.82 -13.48 7.27
N PRO B 145 -12.50 -14.76 6.98
CA PRO B 145 -11.98 -15.71 7.99
C PRO B 145 -10.73 -15.25 8.78
N TYR B 146 -9.75 -14.64 8.12
CA TYR B 146 -8.57 -14.16 8.83
C TYR B 146 -8.85 -12.82 9.52
N ILE B 147 -9.50 -11.90 8.80
CA ILE B 147 -9.91 -10.61 9.38
C ILE B 147 -10.74 -10.82 10.66
N LYS B 148 -11.66 -11.77 10.62
CA LYS B 148 -12.45 -12.16 11.79
C LYS B 148 -11.54 -12.39 13.01
N MET B 149 -10.44 -13.12 12.81
CA MET B 149 -9.51 -13.40 13.89
C MET B 149 -8.79 -12.14 14.38
N VAL B 150 -8.35 -11.31 13.44
CA VAL B 150 -7.67 -10.04 13.74
C VAL B 150 -8.57 -9.14 14.61
N MET B 151 -9.86 -9.11 14.29
CA MET B 151 -10.83 -8.25 14.96
C MET B 151 -11.07 -8.71 16.40
N GLU B 152 -10.83 -10.00 16.66
CA GLU B 152 -10.93 -10.57 18.01
C GLU B 152 -9.65 -10.34 18.83
N GLN B 153 -8.59 -9.86 18.17
CA GLN B 153 -7.31 -9.61 18.85
C GLN B 153 -7.25 -8.24 19.53
N GLY B 154 -6.20 -8.01 20.30
CA GLY B 154 -5.98 -6.76 21.03
C GLY B 154 -5.73 -5.54 20.16
N ASP B 155 -5.70 -4.36 20.80
CA ASP B 155 -5.55 -3.09 20.07
C ASP B 155 -4.12 -2.58 20.10
N TRP B 156 -3.26 -3.37 20.72
CA TRP B 156 -1.84 -3.06 20.78
C TRP B 156 -1.02 -4.11 20.05
N LEU B 157 0.13 -3.68 19.54
CA LEU B 157 1.11 -4.55 18.88
C LEU B 157 2.43 -4.46 19.59
N ILE B 158 3.17 -5.57 19.59
CA ILE B 158 4.48 -5.62 20.20
C ILE B 158 5.54 -6.02 19.18
N GLY B 159 6.53 -5.15 18.99
CA GLY B 159 7.65 -5.44 18.14
C GLY B 159 8.83 -5.78 19.02
N GLY B 160 9.88 -6.33 18.44
CA GLY B 160 11.08 -6.60 19.21
C GLY B 160 12.01 -7.60 18.56
N ASP B 161 13.13 -7.87 19.23
CA ASP B 161 14.11 -8.85 18.79
C ASP B 161 13.73 -10.23 19.35
N LEU B 162 13.51 -11.19 18.45
CA LEU B 162 12.96 -12.48 18.81
C LEU B 162 14.04 -13.56 18.86
N GLN B 163 14.03 -14.32 19.94
CA GLN B 163 14.98 -15.40 20.15
C GLN B 163 14.18 -16.65 20.36
N VAL B 164 14.20 -17.54 19.38
CA VAL B 164 13.37 -18.74 19.48
C VAL B 164 14.20 -19.89 20.08
N LEU B 165 13.61 -20.53 21.08
CA LEU B 165 14.31 -21.56 21.88
C LEU B 165 14.26 -22.94 21.22
N ASP B 166 13.32 -23.78 21.62
CA ASP B 166 13.19 -25.12 21.05
C ASP B 166 12.77 -25.01 19.59
N ARG B 167 13.36 -25.82 18.72
CA ARG B 167 12.90 -25.88 17.34
C ARG B 167 11.45 -26.31 17.33
N VAL B 168 10.68 -25.72 16.42
CA VAL B 168 9.25 -26.00 16.30
C VAL B 168 8.99 -27.33 15.58
N TYR B 169 8.27 -28.22 16.26
CA TYR B 169 7.76 -29.44 15.62
C TYR B 169 6.33 -29.62 16.02
N TRP B 170 5.52 -30.17 15.11
CA TRP B 170 4.09 -30.30 15.36
C TRP B 170 3.68 -31.73 15.72
N ASN B 171 4.56 -32.68 15.42
CA ASN B 171 4.42 -34.06 15.92
C ASN B 171 3.14 -34.68 15.41
N ASP B 172 2.91 -34.52 14.11
CA ASP B 172 1.65 -34.89 13.47
C ASP B 172 1.92 -35.80 12.29
N GLY B 173 3.15 -36.28 12.21
CA GLY B 173 3.55 -37.19 11.16
C GLY B 173 3.97 -36.50 9.88
N LEU B 174 4.13 -35.17 9.91
CA LEU B 174 4.52 -34.42 8.71
C LEU B 174 5.75 -33.55 8.87
N ASP B 175 6.34 -33.57 10.07
CA ASP B 175 7.56 -32.83 10.36
C ASP B 175 8.69 -33.08 9.36
N GLN B 176 8.74 -34.28 8.78
CA GLN B 176 9.78 -34.58 7.78
C GLN B 176 9.69 -33.72 6.50
N TYR B 177 8.53 -33.11 6.26
CA TYR B 177 8.35 -32.25 5.10
C TYR B 177 8.51 -30.76 5.41
N ARG B 178 8.60 -30.41 6.69
CA ARG B 178 8.70 -29.01 7.10
C ARG B 178 10.15 -28.59 7.07
N LEU B 179 10.70 -28.45 5.87
CA LEU B 179 12.09 -28.06 5.68
C LEU B 179 12.23 -26.55 5.78
N THR B 180 13.33 -26.09 6.40
CA THR B 180 13.64 -24.67 6.51
C THR B 180 14.12 -24.19 5.12
N PRO B 181 14.16 -22.85 4.92
CA PRO B 181 14.81 -22.33 3.70
C PRO B 181 16.27 -22.81 3.51
N THR B 182 17.01 -22.97 4.61
CA THR B 182 18.38 -23.49 4.53
C THR B 182 18.45 -24.97 4.16
N GLU B 183 17.58 -25.78 4.75
CA GLU B 183 17.45 -27.19 4.40
C GLU B 183 17.08 -27.36 2.91
N LEU B 184 16.14 -26.54 2.43
CA LEU B 184 15.72 -26.55 1.03
C LEU B 184 16.83 -26.20 0.05
N LYS B 185 17.63 -25.18 0.38
CA LYS B 185 18.80 -24.81 -0.41
C LYS B 185 19.85 -25.91 -0.43
N GLN B 186 20.09 -26.54 0.71
CA GLN B 186 20.98 -27.70 0.76
C GLN B 186 20.45 -28.83 -0.14
N LYS B 187 19.15 -29.06 -0.09
CA LYS B 187 18.51 -30.12 -0.89
C LYS B 187 18.75 -29.90 -2.39
N PHE B 188 18.53 -28.66 -2.85
CA PHE B 188 18.68 -28.32 -4.27
C PHE B 188 20.10 -28.46 -4.75
N LYS B 189 21.06 -28.06 -3.91
CA LYS B 189 22.47 -28.29 -4.17
C LYS B 189 22.78 -29.79 -4.30
N ASP B 190 22.28 -30.59 -3.35
CA ASP B 190 22.50 -32.05 -3.38
C ASP B 190 21.96 -32.70 -4.65
N MET B 191 20.85 -32.18 -5.15
CA MET B 191 20.22 -32.73 -6.34
C MET B 191 20.87 -32.24 -7.60
N ASN B 192 21.79 -31.28 -7.49
CA ASN B 192 22.42 -30.70 -8.67
C ASN B 192 21.43 -29.95 -9.57
N ALA B 193 20.37 -29.39 -8.99
CA ALA B 193 19.45 -28.52 -9.75
C ALA B 193 20.22 -27.35 -10.37
N ASP B 194 19.88 -26.99 -11.60
CA ASP B 194 20.41 -25.76 -12.20
C ASP B 194 19.35 -24.67 -12.33
N ALA B 195 18.14 -24.98 -11.85
CA ALA B 195 17.01 -24.03 -11.78
C ALA B 195 15.91 -24.63 -10.92
N VAL B 196 15.46 -23.88 -9.92
CA VAL B 196 14.33 -24.30 -9.08
C VAL B 196 13.09 -23.45 -9.39
N PHE B 197 12.01 -24.14 -9.75
CA PHE B 197 10.73 -23.49 -9.93
C PHE B 197 9.73 -23.92 -8.88
N ALA B 198 9.01 -22.93 -8.36
CA ALA B 198 8.17 -23.15 -7.20
C ALA B 198 6.72 -23.00 -7.58
N PHE B 199 5.90 -23.87 -6.99
CA PHE B 199 4.43 -23.85 -7.07
C PHE B 199 3.86 -23.87 -5.62
N GLN B 200 3.33 -22.72 -5.22
CA GLN B 200 2.52 -22.54 -4.02
C GLN B 200 1.11 -23.02 -4.28
N LEU B 201 0.56 -23.76 -3.31
CA LEU B 201 -0.82 -24.25 -3.40
C LEU B 201 -1.41 -24.47 -2.00
N ARG B 202 -2.73 -24.31 -1.88
CA ARG B 202 -3.45 -24.61 -0.65
C ARG B 202 -4.56 -25.65 -0.90
N ASN B 203 -4.64 -26.12 -2.15
CA ASN B 203 -5.72 -27.01 -2.59
C ASN B 203 -5.17 -28.32 -3.12
N PRO B 204 -6.03 -29.35 -3.30
CA PRO B 204 -5.60 -30.56 -4.01
C PRO B 204 -5.12 -30.24 -5.42
N VAL B 205 -4.09 -30.95 -5.86
CA VAL B 205 -3.49 -30.73 -7.16
C VAL B 205 -4.35 -31.44 -8.20
N HIS B 206 -4.88 -30.68 -9.16
CA HIS B 206 -5.49 -31.28 -10.34
C HIS B 206 -4.58 -31.08 -11.56
N ASN B 207 -5.03 -31.52 -12.73
CA ASN B 207 -4.14 -31.48 -13.89
C ASN B 207 -4.05 -30.08 -14.57
N GLY B 208 -4.79 -29.11 -14.03
CA GLY B 208 -4.64 -27.72 -14.44
C GLY B 208 -3.38 -27.18 -13.77
N HIS B 209 -3.23 -27.46 -12.47
CA HIS B 209 -2.00 -27.13 -11.77
C HIS B 209 -0.83 -27.81 -12.42
N ALA B 210 -0.99 -29.08 -12.75
CA ALA B 210 0.08 -29.87 -13.32
C ALA B 210 0.48 -29.30 -14.67
N LEU B 211 -0.50 -28.81 -15.43
CA LEU B 211 -0.24 -28.16 -16.71
C LEU B 211 0.67 -26.92 -16.53
N LEU B 212 0.38 -26.12 -15.51
CA LEU B 212 1.19 -24.95 -15.19
C LEU B 212 2.60 -25.39 -14.85
N MET B 213 2.72 -26.42 -14.01
CA MET B 213 4.03 -26.96 -13.61
C MET B 213 4.81 -27.56 -14.79
N GLN B 214 4.12 -28.35 -15.63
CA GLN B 214 4.71 -29.00 -16.80
C GLN B 214 5.13 -28.01 -17.87
N ASP B 215 4.29 -27.00 -18.14
CA ASP B 215 4.66 -25.95 -19.06
C ASP B 215 5.80 -25.07 -18.55
N THR B 216 5.87 -24.86 -17.24
CA THR B 216 7.01 -24.15 -16.67
C THR B 216 8.29 -24.97 -16.82
N HIS B 217 8.19 -26.28 -16.55
CA HIS B 217 9.31 -27.21 -16.77
C HIS B 217 9.82 -27.14 -18.22
N LYS B 218 8.90 -27.18 -19.17
CA LYS B 218 9.24 -27.10 -20.62
C LYS B 218 9.85 -25.76 -21.00
N GLN B 219 9.33 -24.66 -20.44
CA GLN B 219 9.88 -23.34 -20.67
C GLN B 219 11.32 -23.27 -20.18
N LEU B 220 11.60 -23.85 -19.01
CA LEU B 220 12.97 -23.88 -18.46
C LEU B 220 13.94 -24.70 -19.32
N LEU B 221 13.50 -25.89 -19.73
CA LEU B 221 14.25 -26.69 -20.70
C LEU B 221 14.58 -25.89 -21.95
N GLU B 222 13.60 -25.17 -22.50
CA GLU B 222 13.78 -24.43 -23.75
C GLU B 222 14.77 -23.28 -23.58
N ARG B 223 14.90 -22.75 -22.36
CA ARG B 223 15.87 -21.69 -22.07
C ARG B 223 17.31 -22.19 -21.94
N GLY B 224 17.48 -23.50 -21.75
CA GLY B 224 18.80 -24.07 -21.65
C GLY B 224 19.11 -24.72 -20.31
N TYR B 225 18.17 -24.69 -19.38
CA TYR B 225 18.36 -25.41 -18.13
C TYR B 225 18.24 -26.91 -18.36
N ARG B 226 19.10 -27.69 -17.70
CA ARG B 226 19.15 -29.13 -17.93
C ARG B 226 18.58 -29.93 -16.77
N ARG B 227 18.69 -29.39 -15.56
CA ARG B 227 18.14 -30.07 -14.39
C ARG B 227 17.23 -29.13 -13.59
N PRO B 228 16.10 -28.72 -14.19
CA PRO B 228 15.17 -27.89 -13.42
C PRO B 228 14.45 -28.73 -12.39
N VAL B 229 14.28 -28.18 -11.19
CA VAL B 229 13.64 -28.91 -10.10
C VAL B 229 12.38 -28.20 -9.65
N LEU B 230 11.28 -28.95 -9.63
CA LEU B 230 10.04 -28.44 -9.11
C LEU B 230 10.07 -28.45 -7.60
N LEU B 231 9.76 -27.30 -7.01
CA LEU B 231 9.46 -27.27 -5.59
C LEU B 231 7.93 -27.18 -5.43
N LEU B 232 7.31 -28.29 -5.06
CA LEU B 232 5.88 -28.37 -4.81
C LEU B 232 5.73 -28.07 -3.34
N HIS B 233 5.16 -26.92 -3.04
CA HIS B 233 5.30 -26.37 -1.69
C HIS B 233 3.93 -26.04 -1.06
N PRO B 234 3.13 -27.08 -0.71
CA PRO B 234 1.81 -26.78 -0.17
C PRO B 234 1.90 -25.97 1.11
N LEU B 235 0.91 -25.09 1.31
CA LEU B 235 0.85 -24.29 2.52
C LEU B 235 0.31 -25.15 3.66
N GLY B 236 0.94 -25.02 4.82
CA GLY B 236 0.70 -25.92 5.93
C GLY B 236 0.29 -25.31 7.25
N GLY B 237 0.09 -24.00 7.35
CA GLY B 237 -0.45 -23.50 8.60
C GLY B 237 -1.95 -23.28 8.55
N TRP B 238 -2.45 -22.40 9.41
CA TRP B 238 -3.89 -22.13 9.49
C TRP B 238 -4.49 -21.89 8.11
N THR B 239 -5.60 -22.55 7.84
CA THR B 239 -6.40 -22.30 6.65
C THR B 239 -7.85 -22.24 7.08
N LYS B 240 -8.73 -21.72 6.23
CA LYS B 240 -10.14 -21.65 6.61
C LYS B 240 -10.78 -23.03 6.75
N ASP B 241 -11.88 -23.09 7.50
CA ASP B 241 -12.40 -24.37 8.00
C ASP B 241 -12.97 -25.29 6.94
N ASP B 242 -13.33 -24.74 5.77
CA ASP B 242 -13.77 -25.60 4.68
C ASP B 242 -12.66 -26.00 3.68
N ASP B 243 -11.42 -25.59 3.91
CA ASP B 243 -10.28 -26.04 3.08
C ASP B 243 -10.02 -27.53 3.35
N VAL B 244 -9.43 -28.25 2.39
CA VAL B 244 -9.03 -29.65 2.62
C VAL B 244 -7.88 -29.68 3.66
N PRO B 245 -7.99 -30.55 4.69
CA PRO B 245 -6.90 -30.69 5.67
C PRO B 245 -5.54 -31.00 5.06
N LEU B 246 -4.49 -30.49 5.70
CA LEU B 246 -3.11 -30.70 5.25
C LEU B 246 -2.78 -32.18 5.08
N MET B 247 -3.06 -33.00 6.08
CA MET B 247 -2.79 -34.44 5.95
C MET B 247 -3.46 -35.08 4.71
N TRP B 248 -4.71 -34.71 4.47
CA TRP B 248 -5.44 -35.22 3.30
C TRP B 248 -4.87 -34.72 1.99
N ARG B 249 -4.43 -33.46 1.96
CA ARG B 249 -3.77 -32.86 0.81
C ARG B 249 -2.41 -33.50 0.54
N MET B 250 -1.65 -33.76 1.59
CA MET B 250 -0.37 -34.45 1.46
C MET B 250 -0.53 -35.83 0.80
N LYS B 251 -1.53 -36.57 1.27
CA LYS B 251 -1.87 -37.86 0.70
C LYS B 251 -2.28 -37.73 -0.77
N GLN B 252 -3.09 -36.71 -1.08
CA GLN B 252 -3.55 -36.50 -2.45
C GLN B 252 -2.37 -36.18 -3.38
N HIS B 253 -1.44 -35.36 -2.89
CA HIS B 253 -0.26 -34.99 -3.66
C HIS B 253 0.65 -36.18 -3.93
N ALA B 254 0.84 -37.02 -2.90
CA ALA B 254 1.64 -38.24 -3.08
C ALA B 254 1.05 -39.13 -4.19
N ALA B 255 -0.27 -39.23 -4.22
CA ALA B 255 -0.96 -39.98 -5.26
C ALA B 255 -0.71 -39.43 -6.68
N VAL B 256 -0.65 -38.09 -6.79
CA VAL B 256 -0.32 -37.43 -8.08
C VAL B 256 1.09 -37.81 -8.53
N LEU B 257 2.02 -37.82 -7.58
CA LEU B 257 3.41 -38.14 -7.86
C LEU B 257 3.60 -39.63 -8.20
N GLU B 258 2.93 -40.50 -7.45
CA GLU B 258 2.88 -41.94 -7.74
C GLU B 258 2.35 -42.24 -9.13
N GLU B 259 1.34 -41.49 -9.56
CA GLU B 259 0.77 -41.67 -10.91
C GLU B 259 1.68 -41.07 -11.99
N GLY B 260 2.75 -40.38 -11.58
CA GLY B 260 3.70 -39.77 -12.53
C GLY B 260 3.15 -38.59 -13.32
N VAL B 261 2.09 -37.96 -12.83
CA VAL B 261 1.57 -36.73 -13.41
C VAL B 261 2.65 -35.65 -13.21
N LEU B 262 3.27 -35.66 -12.04
CA LEU B 262 4.50 -34.93 -11.79
C LEU B 262 5.55 -36.00 -11.55
N ASN B 263 6.80 -35.73 -11.92
CA ASN B 263 7.88 -36.70 -11.80
C ASN B 263 8.54 -36.63 -10.42
N PRO B 264 8.41 -37.70 -9.62
CA PRO B 264 9.00 -37.70 -8.26
C PRO B 264 10.52 -37.54 -8.23
N GLU B 265 11.21 -37.83 -9.34
CA GLU B 265 12.67 -37.70 -9.38
C GLU B 265 13.16 -36.27 -9.55
N THR B 266 12.35 -35.43 -10.20
CA THR B 266 12.70 -34.02 -10.40
C THR B 266 11.81 -33.08 -9.56
N THR B 267 11.34 -33.54 -8.41
CA THR B 267 10.39 -32.79 -7.59
C THR B 267 10.79 -32.88 -6.12
N VAL B 268 10.65 -31.75 -5.42
CA VAL B 268 10.83 -31.69 -3.97
C VAL B 268 9.49 -31.24 -3.36
N VAL B 269 9.00 -32.02 -2.40
CA VAL B 269 7.75 -31.72 -1.72
C VAL B 269 8.10 -31.28 -0.31
N ALA B 270 7.73 -30.06 0.03
CA ALA B 270 7.92 -29.59 1.39
C ALA B 270 6.65 -28.85 1.79
N ILE B 271 6.49 -28.59 3.07
CA ILE B 271 5.32 -27.89 3.58
C ILE B 271 5.75 -26.51 4.01
N PHE B 272 5.05 -25.49 3.53
CA PHE B 272 5.30 -24.09 3.84
C PHE B 272 4.54 -23.71 5.10
N PRO B 273 5.26 -23.33 6.16
CA PRO B 273 4.63 -23.26 7.49
C PRO B 273 3.76 -22.05 7.79
N SER B 274 3.54 -21.18 6.81
CA SER B 274 2.84 -19.93 7.06
C SER B 274 1.32 -20.11 7.14
N PRO B 275 0.65 -19.34 8.03
CA PRO B 275 -0.81 -19.20 7.97
C PRO B 275 -1.27 -18.63 6.64
N MET B 276 -2.46 -19.02 6.20
CA MET B 276 -3.07 -18.47 4.98
C MET B 276 -3.96 -17.29 5.38
N MET B 277 -3.79 -16.15 4.70
CA MET B 277 -4.55 -14.94 5.03
C MET B 277 -5.67 -14.60 4.05
N TYR B 278 -5.67 -15.25 2.89
CA TYR B 278 -6.62 -14.98 1.79
C TYR B 278 -6.71 -13.51 1.46
N ALA B 279 -5.53 -12.94 1.16
CA ALA B 279 -5.41 -11.50 0.92
C ALA B 279 -5.02 -11.23 -0.52
N GLY B 280 -5.13 -12.24 -1.38
CA GLY B 280 -5.01 -12.06 -2.82
C GLY B 280 -3.68 -11.46 -3.23
N PRO B 281 -3.71 -10.36 -4.00
CA PRO B 281 -2.47 -9.80 -4.54
C PRO B 281 -1.42 -9.35 -3.50
N THR B 282 -1.86 -9.02 -2.28
CA THR B 282 -0.94 -8.68 -1.19
C THR B 282 -0.27 -9.93 -0.62
N GLU B 283 -1.02 -11.02 -0.59
CA GLU B 283 -0.51 -12.25 -0.04
C GLU B 283 0.39 -13.00 -1.04
N VAL B 284 0.07 -12.91 -2.33
CA VAL B 284 0.86 -13.57 -3.35
C VAL B 284 2.31 -13.10 -3.32
N GLN B 285 2.55 -11.85 -2.96
CA GLN B 285 3.91 -11.33 -2.82
C GLN B 285 4.64 -11.98 -1.64
N TRP B 286 3.91 -12.20 -0.53
CA TRP B 286 4.42 -12.91 0.63
C TRP B 286 4.79 -14.37 0.29
N HIS B 287 3.89 -15.07 -0.40
CA HIS B 287 4.16 -16.44 -0.86
C HIS B 287 5.37 -16.49 -1.77
N CYS B 288 5.49 -15.50 -2.64
CA CYS B 288 6.60 -15.39 -3.55
C CYS B 288 7.93 -15.13 -2.86
N ARG B 289 8.00 -14.10 -2.02
CA ARG B 289 9.26 -13.71 -1.42
C ARG B 289 9.81 -14.83 -0.52
N ALA B 290 8.92 -15.65 0.02
CA ALA B 290 9.33 -16.73 0.92
C ALA B 290 9.99 -17.85 0.13
N ARG B 291 9.48 -18.12 -1.06
CA ARG B 291 10.13 -19.07 -1.97
C ARG B 291 11.48 -18.55 -2.46
N MET B 292 11.56 -17.26 -2.74
CA MET B 292 12.84 -16.61 -3.05
C MET B 292 13.87 -16.88 -1.96
N VAL B 293 13.49 -16.69 -0.70
CA VAL B 293 14.34 -16.97 0.46
C VAL B 293 14.85 -18.43 0.48
N ALA B 294 14.00 -19.37 0.08
CA ALA B 294 14.33 -20.80 0.02
C ALA B 294 15.15 -21.19 -1.23
N GLY B 295 15.54 -20.24 -2.06
CA GLY B 295 16.39 -20.56 -3.21
C GLY B 295 15.66 -20.81 -4.51
N ALA B 296 14.37 -20.48 -4.57
CA ALA B 296 13.62 -20.53 -5.82
C ALA B 296 14.09 -19.47 -6.83
N ASN B 297 14.23 -19.90 -8.09
CA ASN B 297 14.61 -19.02 -9.19
C ASN B 297 13.41 -18.60 -10.03
N PHE B 298 12.35 -19.39 -9.98
CA PHE B 298 11.12 -19.09 -10.72
C PHE B 298 9.93 -19.34 -9.83
N TYR B 299 8.92 -18.51 -10.00
CA TYR B 299 7.70 -18.65 -9.23
C TYR B 299 6.50 -18.62 -10.15
N ILE B 300 5.72 -19.69 -10.11
CA ILE B 300 4.52 -19.80 -10.90
C ILE B 300 3.30 -19.15 -10.23
N VAL B 301 2.53 -18.40 -11.01
CA VAL B 301 1.33 -17.77 -10.49
C VAL B 301 0.27 -17.89 -11.59
N GLY B 302 -0.93 -18.31 -11.22
CA GLY B 302 -2.05 -18.37 -12.16
C GLY B 302 -3.12 -17.33 -11.90
N ARG B 303 -4.37 -17.72 -12.08
CA ARG B 303 -5.49 -16.82 -11.91
C ARG B 303 -5.92 -16.76 -10.42
N ASP B 304 -6.38 -15.59 -9.99
CA ASP B 304 -6.91 -15.38 -8.64
C ASP B 304 -6.10 -16.07 -7.50
N PRO B 305 -4.76 -15.87 -7.48
CA PRO B 305 -4.01 -16.55 -6.44
C PRO B 305 -4.30 -15.91 -5.07
N ALA B 306 -4.29 -16.76 -4.03
CA ALA B 306 -4.56 -16.37 -2.64
C ALA B 306 -5.93 -15.71 -2.49
N GLY B 307 -6.82 -15.96 -3.44
CA GLY B 307 -8.12 -15.34 -3.38
C GLY B 307 -9.15 -16.23 -2.73
N MET B 308 -10.32 -15.66 -2.51
CA MET B 308 -11.50 -16.41 -2.07
C MET B 308 -12.74 -15.60 -2.45
N PRO B 309 -13.93 -16.25 -2.42
CA PRO B 309 -15.15 -15.48 -2.71
C PRO B 309 -15.49 -14.52 -1.58
N HIS B 310 -15.93 -13.30 -1.91
CA HIS B 310 -16.41 -12.37 -0.90
C HIS B 310 -17.45 -13.10 -0.04
N PRO B 311 -17.33 -13.01 1.30
CA PRO B 311 -18.32 -13.66 2.17
C PRO B 311 -19.58 -12.80 2.27
N GLU B 312 -20.62 -13.19 1.56
CA GLU B 312 -21.80 -12.36 1.36
C GLU B 312 -22.15 -12.49 -0.10
N THR B 313 -21.68 -11.55 -0.93
CA THR B 313 -21.79 -11.67 -2.37
C THR B 313 -20.72 -12.65 -2.82
N GLY B 314 -21.12 -13.87 -3.17
CA GLY B 314 -20.16 -14.94 -3.55
C GLY B 314 -19.22 -14.63 -4.72
N LYS B 315 -19.03 -13.35 -5.00
CA LYS B 315 -18.14 -12.87 -6.06
C LYS B 315 -16.69 -12.86 -5.57
N ASP B 316 -15.75 -13.11 -6.49
CA ASP B 316 -14.33 -13.02 -6.19
C ASP B 316 -14.03 -11.75 -5.41
N LEU B 317 -13.28 -11.87 -4.33
CA LEU B 317 -12.83 -10.71 -3.59
C LEU B 317 -11.89 -9.86 -4.44
N TYR B 318 -10.98 -10.52 -5.16
CA TYR B 318 -9.95 -9.82 -5.89
C TYR B 318 -10.18 -10.05 -7.38
N GLU B 319 -9.76 -9.11 -8.21
CA GLU B 319 -9.86 -9.29 -9.64
C GLU B 319 -8.85 -10.38 -10.02
N PRO B 320 -9.31 -11.43 -10.73
CA PRO B 320 -8.50 -12.65 -10.86
C PRO B 320 -7.18 -12.50 -11.62
N SER B 321 -7.07 -11.45 -12.44
CA SER B 321 -5.85 -11.20 -13.21
C SER B 321 -4.80 -10.37 -12.45
N HIS B 322 -5.21 -9.77 -11.34
CA HIS B 322 -4.37 -8.85 -10.55
C HIS B 322 -3.20 -9.46 -9.78
N GLY B 323 -3.37 -10.67 -9.25
CA GLY B 323 -2.26 -11.33 -8.57
C GLY B 323 -1.04 -11.41 -9.48
N ALA B 324 -1.23 -11.93 -10.70
CA ALA B 324 -0.11 -12.07 -11.63
C ALA B 324 0.46 -10.73 -12.06
N LYS B 325 -0.42 -9.78 -12.41
CA LYS B 325 -0.02 -8.43 -12.79
C LYS B 325 0.78 -7.74 -11.69
N VAL B 326 0.27 -7.73 -10.46
CA VAL B 326 0.95 -7.10 -9.34
C VAL B 326 2.29 -7.79 -9.03
N LEU B 327 2.29 -9.13 -8.98
CA LEU B 327 3.51 -9.88 -8.71
C LEU B 327 4.59 -9.64 -9.78
N THR B 328 4.15 -9.59 -11.04
CA THR B 328 5.02 -9.31 -12.17
C THR B 328 5.73 -7.93 -12.00
N MET B 329 5.04 -6.95 -11.46
CA MET B 329 5.61 -5.61 -11.29
C MET B 329 6.27 -5.37 -9.94
N ALA B 330 6.16 -6.34 -9.02
CA ALA B 330 6.51 -6.08 -7.61
C ALA B 330 8.00 -5.85 -7.44
N PRO B 331 8.39 -4.83 -6.64
CA PRO B 331 9.80 -4.61 -6.32
C PRO B 331 10.27 -5.52 -5.19
N GLY B 332 11.58 -5.58 -4.98
CA GLY B 332 12.18 -6.36 -3.90
C GLY B 332 12.08 -7.85 -4.10
N LEU B 333 11.93 -8.26 -5.37
CA LEU B 333 11.90 -9.66 -5.80
C LEU B 333 12.87 -9.88 -6.97
N ILE B 334 14.07 -9.35 -6.85
CA ILE B 334 14.97 -9.29 -8.01
C ILE B 334 15.52 -10.64 -8.46
N THR B 335 15.86 -11.49 -7.50
CA THR B 335 16.50 -12.77 -7.82
C THR B 335 15.52 -13.90 -8.18
N LEU B 336 14.25 -13.55 -8.40
CA LEU B 336 13.33 -14.58 -8.85
C LEU B 336 12.36 -14.10 -9.90
N GLU B 337 12.23 -14.89 -10.96
CA GLU B 337 11.43 -14.53 -12.11
C GLU B 337 10.02 -15.08 -11.99
N ILE B 338 9.03 -14.26 -12.28
CA ILE B 338 7.63 -14.68 -12.21
C ILE B 338 7.21 -15.33 -13.52
N VAL B 339 6.54 -16.48 -13.42
CA VAL B 339 5.99 -17.18 -14.56
C VAL B 339 4.47 -17.17 -14.44
N PRO B 340 3.80 -16.21 -15.09
CA PRO B 340 2.35 -16.02 -14.95
C PRO B 340 1.56 -16.85 -15.94
N PHE B 341 0.38 -17.30 -15.54
CA PHE B 341 -0.47 -18.06 -16.43
C PHE B 341 -1.90 -17.56 -16.38
N ARG B 342 -2.60 -17.71 -17.51
CA ARG B 342 -4.05 -17.46 -17.55
C ARG B 342 -4.76 -18.75 -17.09
N VAL B 343 -6.08 -18.67 -16.93
CA VAL B 343 -6.85 -19.79 -16.38
C VAL B 343 -6.72 -21.04 -17.26
N ALA B 344 -6.49 -22.18 -16.60
CA ALA B 344 -6.54 -23.47 -17.26
C ALA B 344 -7.86 -24.09 -16.87
N ALA B 345 -8.50 -24.76 -17.84
CA ALA B 345 -9.75 -25.49 -17.58
C ALA B 345 -9.80 -26.76 -18.44
N TYR B 346 -10.74 -27.65 -18.12
CA TYR B 346 -10.89 -28.87 -18.91
C TYR B 346 -11.46 -28.61 -20.30
N ASN B 347 -10.70 -28.99 -21.32
CA ASN B 347 -11.18 -28.87 -22.69
C ASN B 347 -11.85 -30.18 -23.12
N LYS B 348 -13.17 -30.16 -23.23
CA LYS B 348 -13.95 -31.35 -23.59
C LYS B 348 -13.60 -31.93 -24.96
N LYS B 349 -13.36 -31.05 -25.94
CA LYS B 349 -13.01 -31.49 -27.29
C LYS B 349 -11.65 -32.19 -27.33
N LYS B 350 -10.66 -31.67 -26.60
CA LYS B 350 -9.32 -32.30 -26.58
C LYS B 350 -9.18 -33.36 -25.49
N LYS B 351 -10.16 -33.42 -24.58
CA LYS B 351 -10.16 -34.37 -23.46
C LYS B 351 -8.89 -34.29 -22.61
N ARG B 352 -8.47 -33.06 -22.34
CA ARG B 352 -7.35 -32.77 -21.45
C ARG B 352 -7.47 -31.33 -20.90
N MET B 353 -6.69 -31.04 -19.87
CA MET B 353 -6.62 -29.69 -19.33
C MET B 353 -5.94 -28.82 -20.37
N ASP B 354 -6.38 -27.58 -20.49
CA ASP B 354 -5.89 -26.68 -21.51
C ASP B 354 -6.14 -25.26 -21.02
N TYR B 355 -5.50 -24.27 -21.68
CA TYR B 355 -5.74 -22.85 -21.37
C TYR B 355 -7.05 -22.35 -21.97
N TYR B 356 -7.85 -21.67 -21.15
CA TYR B 356 -9.15 -21.20 -21.57
C TYR B 356 -9.06 -20.20 -22.74
N ASP B 357 -10.00 -20.33 -23.67
CA ASP B 357 -10.13 -19.47 -24.85
C ASP B 357 -11.58 -19.03 -24.97
N SER B 358 -11.84 -17.73 -24.99
CA SER B 358 -13.22 -17.23 -25.08
C SER B 358 -13.85 -17.55 -26.43
N GLU B 359 -13.04 -17.62 -27.48
CA GLU B 359 -13.49 -18.00 -28.83
C GLU B 359 -14.09 -19.41 -28.89
N HIS B 360 -13.92 -20.18 -27.81
CA HIS B 360 -14.39 -21.56 -27.74
C HIS B 360 -15.01 -21.88 -26.38
N HIS B 361 -15.65 -20.88 -25.77
CA HIS B 361 -16.20 -20.99 -24.42
C HIS B 361 -16.81 -22.36 -24.09
N GLU B 362 -17.66 -22.87 -24.97
CA GLU B 362 -18.43 -24.08 -24.66
C GLU B 362 -17.66 -25.40 -24.83
N ASP B 363 -16.38 -25.31 -25.20
CA ASP B 363 -15.47 -26.47 -25.14
C ASP B 363 -15.06 -26.79 -23.71
N PHE B 364 -15.08 -25.77 -22.86
CA PHE B 364 -14.42 -25.85 -21.56
C PHE B 364 -15.37 -26.14 -20.42
N GLU B 365 -14.98 -27.08 -19.57
CA GLU B 365 -15.66 -27.27 -18.30
C GLU B 365 -14.78 -26.72 -17.18
N PHE B 366 -15.39 -25.95 -16.29
CA PHE B 366 -14.70 -25.47 -15.11
C PHE B 366 -15.19 -26.29 -13.93
N ILE B 367 -14.25 -26.87 -13.20
CA ILE B 367 -14.55 -27.62 -11.98
C ILE B 367 -13.82 -27.04 -10.76
N SER B 368 -14.61 -26.46 -9.86
CA SER B 368 -14.15 -25.88 -8.60
C SER B 368 -14.15 -26.92 -7.47
N GLY B 369 -13.59 -26.53 -6.32
CA GLY B 369 -13.52 -27.40 -5.15
C GLY B 369 -14.88 -27.79 -4.60
N THR B 370 -15.84 -26.87 -4.74
CA THR B 370 -17.25 -27.10 -4.39
C THR B 370 -17.86 -28.13 -5.35
N ARG B 371 -17.56 -27.99 -6.63
CA ARG B 371 -18.05 -28.91 -7.63
C ARG B 371 -17.46 -30.31 -7.41
N MET B 372 -16.24 -30.36 -6.89
CA MET B 372 -15.57 -31.63 -6.65
C MET B 372 -16.27 -32.44 -5.57
N ARG B 373 -16.55 -31.81 -4.44
CA ARG B 373 -17.28 -32.49 -3.38
C ARG B 373 -18.66 -32.99 -3.82
N LYS B 374 -19.41 -32.14 -4.52
CA LYS B 374 -20.72 -32.48 -5.04
C LYS B 374 -20.65 -33.67 -6.00
N LEU B 375 -19.70 -33.66 -6.92
CA LEU B 375 -19.44 -34.78 -7.84
C LEU B 375 -19.25 -36.12 -7.09
N ALA B 376 -18.43 -36.09 -6.03
CA ALA B 376 -18.18 -37.27 -5.23
C ALA B 376 -19.45 -37.73 -4.54
N ARG B 377 -20.21 -36.78 -4.00
CA ARG B 377 -21.47 -37.07 -3.31
C ARG B 377 -22.41 -37.79 -4.26
N GLU B 378 -22.29 -37.46 -5.55
CA GLU B 378 -23.14 -38.00 -6.60
C GLU B 378 -22.57 -39.22 -7.31
N GLY B 379 -21.51 -39.81 -6.76
CA GLY B 379 -20.93 -41.06 -7.26
C GLY B 379 -20.19 -40.94 -8.57
N GLN B 380 -19.69 -39.73 -8.85
CA GLN B 380 -19.01 -39.41 -10.10
C GLN B 380 -17.50 -39.29 -9.97
N LYS B 381 -16.82 -39.67 -11.04
CA LYS B 381 -15.40 -39.48 -11.22
C LYS B 381 -15.27 -38.34 -12.19
N PRO B 382 -14.25 -37.47 -12.02
CA PRO B 382 -14.21 -36.29 -12.88
C PRO B 382 -13.73 -36.73 -14.25
N PRO B 383 -13.92 -35.87 -15.28
CA PRO B 383 -13.54 -36.40 -16.58
C PRO B 383 -12.08 -36.88 -16.63
N GLU B 384 -11.82 -37.77 -17.58
CA GLU B 384 -10.51 -38.38 -17.78
C GLU B 384 -9.53 -37.27 -18.09
N GLY B 385 -8.39 -37.24 -17.39
CA GLY B 385 -7.38 -36.21 -17.61
C GLY B 385 -7.58 -34.93 -16.80
N PHE B 386 -8.66 -34.83 -16.03
CA PHE B 386 -8.83 -33.73 -15.05
C PHE B 386 -7.97 -33.97 -13.81
N MET B 387 -7.95 -35.21 -13.33
CA MET B 387 -7.17 -35.57 -12.16
C MET B 387 -6.75 -37.02 -12.26
N ALA B 388 -5.50 -37.28 -11.84
CA ALA B 388 -4.98 -38.64 -11.73
C ALA B 388 -5.99 -39.48 -10.96
N PRO B 389 -6.41 -40.62 -11.53
CA PRO B 389 -7.44 -41.47 -10.92
C PRO B 389 -7.18 -41.83 -9.46
N LYS B 390 -5.94 -42.17 -9.13
CA LYS B 390 -5.55 -42.50 -7.77
C LYS B 390 -5.72 -41.31 -6.83
N ALA B 391 -5.37 -40.12 -7.31
CA ALA B 391 -5.50 -38.91 -6.50
C ALA B 391 -6.97 -38.57 -6.27
N TRP B 392 -7.79 -38.76 -7.29
CA TRP B 392 -9.24 -38.67 -7.09
C TRP B 392 -9.72 -39.64 -6.00
N THR B 393 -9.22 -40.88 -6.05
CA THR B 393 -9.58 -41.89 -5.06
C THR B 393 -9.31 -41.40 -3.64
N VAL B 394 -8.11 -40.82 -3.42
CA VAL B 394 -7.80 -40.18 -2.13
C VAL B 394 -8.84 -39.13 -1.76
N LEU B 395 -9.22 -38.28 -2.71
CA LEU B 395 -10.24 -37.26 -2.46
C LEU B 395 -11.58 -37.83 -2.05
N THR B 396 -12.06 -38.85 -2.77
CA THR B 396 -13.32 -39.52 -2.41
C THR B 396 -13.29 -40.06 -0.96
N GLU B 397 -12.13 -40.55 -0.52
CA GLU B 397 -11.92 -40.98 0.87
C GLU B 397 -12.00 -39.81 1.84
N TYR B 398 -11.49 -38.65 1.44
CA TYR B 398 -11.63 -37.47 2.28
C TYR B 398 -13.09 -37.05 2.40
N TYR B 399 -13.78 -36.93 1.26
CA TYR B 399 -15.20 -36.58 1.29
C TYR B 399 -16.05 -37.58 2.07
N LYS B 400 -15.74 -38.88 2.00
CA LYS B 400 -16.50 -39.89 2.76
C LYS B 400 -16.37 -39.70 4.27
N SER B 401 -15.16 -39.40 4.73
CA SER B 401 -14.87 -39.16 6.15
C SER B 401 -15.63 -37.96 6.73
N LEU B 402 -16.18 -37.10 5.88
CA LEU B 402 -16.91 -35.94 6.33
C LEU B 402 -18.30 -36.34 6.83
N GLU B 403 -18.42 -37.61 7.23
CA GLU B 403 -19.68 -38.20 7.70
C GLU B 403 -19.43 -39.23 8.81
K K C . -21.35 2.71 -14.02
SB ADX D . -2.18 19.78 5.76
O1B ADX D . -1.11 18.91 6.26
O2B ADX D . -1.67 20.64 4.67
O3B ADX D . -3.28 18.98 5.21
PA ADX D . -2.21 22.02 7.61
O1A ADX D . -2.31 23.19 6.68
O2A ADX D . -2.92 22.10 8.95
O3A ADX D . -2.82 20.69 6.95
O5' ADX D . -0.66 21.68 7.90
C5' ADX D . 0.40 21.96 6.99
C4' ADX D . 1.72 21.49 7.61
O4' ADX D . 1.78 22.05 8.94
C3' ADX D . 1.87 19.96 7.79
O3' ADX D . 3.16 19.49 7.48
C2' ADX D . 1.65 19.78 9.25
O2' ADX D . 1.57 18.57 9.79
C1' ADX D . 1.64 20.95 9.88
N9 ADX D . 1.34 21.27 11.17
C8 ADX D . 0.13 21.85 11.34
N7 ADX D . 0.00 22.15 12.67
C5 ADX D . 1.16 21.76 13.27
C6 ADX D . 1.64 21.81 14.57
N6 ADX D . 0.85 22.34 15.54
N1 ADX D . 2.86 21.31 14.88
C2 ADX D . 3.66 20.78 13.94
N3 ADX D . 3.28 20.69 12.66
C4 ADX D . 1.98 21.21 12.32
K K E . -7.48 -4.15 23.92
SB ADX F . -3.56 -20.43 -3.69
O1B ADX F . -3.16 -19.41 -4.67
O2B ADX F . -2.39 -21.19 -3.27
O3B ADX F . -4.16 -19.75 -2.53
PA ADX F . -4.59 -22.69 -5.09
O1A ADX F . -3.85 -23.73 -4.30
O2A ADX F . -6.00 -23.00 -5.54
O3A ADX F . -4.76 -21.35 -4.26
O5' ADX F . -3.75 -22.24 -6.39
C5' ADX F . -2.32 -22.35 -6.46
C4' ADX F . -1.78 -21.79 -7.78
O4' ADX F . -2.59 -22.35 -8.81
C3' ADX F . -1.87 -20.26 -7.94
O3' ADX F . -0.75 -19.73 -8.59
C2' ADX F . -3.04 -20.10 -8.84
O2' ADX F . -3.52 -18.87 -9.10
C1' ADX F . -3.40 -21.28 -9.34
N9 ADX F . -4.45 -21.71 -10.10
C8 ADX F . -5.35 -22.47 -9.44
N7 ADX F . -6.28 -22.88 -10.33
C5 ADX F . -5.91 -22.39 -11.54
C6 ADX F . -6.45 -22.50 -12.82
N6 ADX F . -7.59 -23.23 -13.00
N1 ADX F . -5.86 -21.87 -13.86
C2 ADX F . -4.73 -21.13 -13.71
N3 ADX F . -4.14 -20.98 -12.50
C4 ADX F . -4.78 -21.65 -11.39
#